data_2V7D
#
_entry.id   2V7D
#
_cell.length_a   94.920
_cell.length_b   94.920
_cell.length_c   233.600
_cell.angle_alpha   90.00
_cell.angle_beta   90.00
_cell.angle_gamma   120.00
#
_symmetry.space_group_name_H-M   'P 65'
#
loop_
_entity.id
_entity.type
_entity.pdbx_description
1 polymer '14-3-3 PROTEIN ZETA/DELTA'
2 polymer 'INTEGRIN BETA CHAIN, BETA 2 VARIANT'
3 water water
#
loop_
_entity_poly.entity_id
_entity_poly.type
_entity_poly.pdbx_seq_one_letter_code
_entity_poly.pdbx_strand_id
1 'polypeptide(L)'
;GSMDKNELVQKAKLAEQAERYDDMAACMKSVTEQGAELSNEERNLLSVAYKNVVGARRSSWRVVSSIEQKTEGAEKKQQM
AREYREKIETELRDICNDVLSLLEKFLIPNASQAESKVFYLKMKGDYYRYLAEVAAGDDKKGIVDQSQQAYQEAFEISKK
EMQPTHPIRLGLALNFSVFYYEILNSPEKACSLAKTAFDEAIAELDTLSEESYKDSTLIMQLLRDNLTLWTSDTQGDEAE
AGEGGEN
;
A,B,C,D
2 'polypeptide(L)' KSA(TPO)TTVMNP P,Q,R,S
#
# COMPACT_ATOMS: atom_id res chain seq x y z
N GLY A 1 5.31 -16.92 -20.32
CA GLY A 1 4.48 -18.15 -20.23
C GLY A 1 4.04 -18.22 -18.82
N SER A 2 4.58 -17.30 -18.06
CA SER A 2 4.27 -17.26 -16.66
C SER A 2 2.76 -17.18 -16.42
N MET A 3 2.14 -16.17 -17.03
CA MET A 3 0.73 -15.85 -16.82
C MET A 3 -0.23 -15.77 -18.02
N ASP A 4 -1.52 -15.59 -17.71
CA ASP A 4 -2.63 -15.51 -18.69
C ASP A 4 -3.05 -14.10 -19.16
N LYS A 5 -2.51 -13.70 -20.30
CA LYS A 5 -2.76 -12.38 -20.90
C LYS A 5 -4.22 -12.02 -21.12
N ASN A 6 -5.09 -13.02 -21.18
CA ASN A 6 -6.52 -12.80 -21.42
C ASN A 6 -7.33 -12.52 -20.14
N GLU A 7 -7.09 -13.30 -19.09
CA GLU A 7 -7.77 -13.13 -17.81
C GLU A 7 -7.50 -11.72 -17.32
N LEU A 8 -6.33 -11.18 -17.67
CA LEU A 8 -5.96 -9.84 -17.26
C LEU A 8 -6.86 -8.80 -17.92
N VAL A 9 -7.13 -8.96 -19.22
CA VAL A 9 -8.00 -8.04 -19.94
C VAL A 9 -9.40 -8.09 -19.31
N GLN A 10 -9.76 -9.27 -18.82
CA GLN A 10 -11.06 -9.45 -18.19
C GLN A 10 -11.06 -8.76 -16.84
N LYS A 11 -10.04 -9.02 -16.02
CA LYS A 11 -9.95 -8.40 -14.72
C LYS A 11 -10.03 -6.89 -14.88
N ALA A 12 -9.42 -6.39 -15.97
CA ALA A 12 -9.37 -4.97 -16.29
C ALA A 12 -10.76 -4.40 -16.54
N LYS A 13 -11.62 -5.21 -17.17
CA LYS A 13 -12.98 -4.78 -17.47
C LYS A 13 -13.90 -4.96 -16.29
N LEU A 14 -13.57 -5.91 -15.41
CA LEU A 14 -14.36 -6.17 -14.22
C LEU A 14 -14.01 -5.10 -13.20
N ALA A 15 -12.82 -4.53 -13.33
CA ALA A 15 -12.36 -3.49 -12.42
C ALA A 15 -13.04 -2.18 -12.80
N GLU A 16 -13.22 -1.99 -14.11
CA GLU A 16 -13.90 -0.80 -14.65
C GLU A 16 -15.34 -0.74 -14.16
N GLN A 17 -16.06 -1.85 -14.27
CA GLN A 17 -17.42 -1.92 -13.81
C GLN A 17 -17.50 -1.56 -12.34
N ALA A 18 -16.59 -2.13 -11.54
CA ALA A 18 -16.56 -1.84 -10.11
C ALA A 18 -15.96 -0.45 -9.84
N GLU A 19 -15.69 0.28 -10.90
CA GLU A 19 -15.12 1.62 -10.81
C GLU A 19 -13.88 1.74 -9.96
N ARG A 20 -12.96 0.80 -10.13
CA ARG A 20 -11.68 0.79 -9.40
C ARG A 20 -10.58 0.89 -10.49
N TYR A 21 -10.36 2.11 -10.97
CA TYR A 21 -9.40 2.38 -12.04
C TYR A 21 -7.96 2.09 -11.71
N ASP A 22 -7.57 2.30 -10.45
CA ASP A 22 -6.19 2.04 -10.04
C ASP A 22 -5.98 0.54 -10.31
N ASP A 23 -6.96 -0.26 -9.92
CA ASP A 23 -6.90 -1.71 -10.18
C ASP A 23 -6.94 -1.93 -11.69
N MET A 24 -7.85 -1.26 -12.38
CA MET A 24 -8.00 -1.40 -13.82
C MET A 24 -6.72 -1.06 -14.58
N ALA A 25 -6.01 -0.02 -14.15
CA ALA A 25 -4.76 0.41 -14.82
C ALA A 25 -3.66 -0.62 -14.61
N ALA A 26 -3.62 -1.18 -13.42
CA ALA A 26 -2.63 -2.18 -13.11
C ALA A 26 -2.80 -3.41 -14.03
N CYS A 27 -4.04 -3.87 -14.22
CA CYS A 27 -4.34 -5.03 -15.07
C CYS A 27 -3.99 -4.81 -16.52
N MET A 28 -4.05 -3.55 -16.95
CA MET A 28 -3.72 -3.18 -18.33
C MET A 28 -2.23 -2.94 -18.51
N LYS A 29 -1.54 -2.60 -17.44
CA LYS A 29 -0.10 -2.40 -17.49
C LYS A 29 0.46 -3.79 -17.72
N SER A 30 -0.03 -4.76 -16.97
CA SER A 30 0.40 -6.14 -17.09
C SER A 30 0.16 -6.70 -18.52
N VAL A 31 -0.97 -6.32 -19.12
CA VAL A 31 -1.32 -6.79 -20.47
C VAL A 31 -0.38 -6.22 -21.54
N THR A 32 -0.09 -4.93 -21.44
CA THR A 32 0.80 -4.26 -22.37
C THR A 32 2.18 -4.88 -22.33
N GLU A 33 2.66 -5.17 -21.12
CA GLU A 33 3.98 -5.78 -20.91
C GLU A 33 4.07 -7.21 -21.44
N GLN A 34 2.95 -7.74 -21.92
CA GLN A 34 2.96 -9.09 -22.45
C GLN A 34 3.63 -9.08 -23.81
N GLY A 35 3.70 -7.89 -24.41
CA GLY A 35 4.35 -7.75 -25.70
C GLY A 35 3.42 -7.63 -26.88
N ALA A 36 2.39 -8.46 -26.92
CA ALA A 36 1.41 -8.46 -28.01
C ALA A 36 0.92 -7.04 -28.26
N GLU A 37 0.38 -6.80 -29.44
CA GLU A 37 -0.14 -5.46 -29.78
C GLU A 37 -1.54 -5.34 -29.21
N LEU A 38 -1.84 -4.17 -28.66
CA LEU A 38 -3.14 -3.95 -28.05
C LEU A 38 -4.25 -3.87 -29.07
N SER A 39 -5.31 -4.66 -28.87
CA SER A 39 -6.47 -4.64 -29.77
C SER A 39 -7.21 -3.34 -29.46
N ASN A 40 -8.12 -2.93 -30.34
CA ASN A 40 -8.86 -1.68 -30.10
C ASN A 40 -9.55 -1.64 -28.74
N GLU A 41 -10.06 -2.78 -28.28
CA GLU A 41 -10.73 -2.83 -26.98
C GLU A 41 -9.70 -2.64 -25.87
N GLU A 42 -8.68 -3.49 -25.88
CA GLU A 42 -7.62 -3.43 -24.87
C GLU A 42 -6.96 -2.05 -24.87
N ARG A 43 -6.81 -1.46 -26.05
CA ARG A 43 -6.16 -0.15 -26.17
C ARG A 43 -6.97 0.92 -25.46
N ASN A 44 -8.28 0.80 -25.52
CA ASN A 44 -9.18 1.75 -24.86
C ASN A 44 -9.09 1.49 -23.37
N LEU A 45 -9.33 0.25 -22.97
CA LEU A 45 -9.26 -0.10 -21.56
C LEU A 45 -8.02 0.51 -20.92
N LEU A 46 -6.92 0.56 -21.68
CA LEU A 46 -5.67 1.13 -21.15
C LEU A 46 -5.79 2.64 -21.03
N SER A 47 -6.06 3.28 -22.15
CA SER A 47 -6.22 4.75 -22.21
C SER A 47 -7.23 5.21 -21.13
N VAL A 48 -8.33 4.46 -21.00
CA VAL A 48 -9.40 4.76 -20.04
C VAL A 48 -8.93 4.63 -18.60
N ALA A 49 -8.37 3.47 -18.27
CA ALA A 49 -7.87 3.24 -16.92
C ALA A 49 -6.83 4.30 -16.47
N TYR A 50 -5.85 4.60 -17.31
CA TYR A 50 -4.85 5.56 -16.90
C TYR A 50 -5.29 7.02 -16.91
N LYS A 51 -6.12 7.41 -17.88
CA LYS A 51 -6.54 8.80 -17.88
C LYS A 51 -7.44 9.06 -16.67
N ASN A 52 -8.12 8.03 -16.21
CA ASN A 52 -8.99 8.11 -15.05
C ASN A 52 -8.14 8.22 -13.77
N VAL A 53 -7.07 7.44 -13.74
CA VAL A 53 -6.16 7.39 -12.61
C VAL A 53 -5.34 8.66 -12.48
N VAL A 54 -4.70 9.09 -13.56
CA VAL A 54 -3.91 10.32 -13.48
C VAL A 54 -4.88 11.48 -13.36
N GLY A 55 -6.11 11.27 -13.84
CA GLY A 55 -7.10 12.31 -13.79
C GLY A 55 -7.36 12.80 -12.38
N ALA A 56 -7.62 11.86 -11.49
CA ALA A 56 -7.90 12.18 -10.10
C ALA A 56 -6.76 12.98 -9.48
N ARG A 57 -5.52 12.60 -9.78
CA ARG A 57 -4.37 13.30 -9.22
C ARG A 57 -4.16 14.72 -9.79
N ARG A 58 -4.39 14.90 -11.08
CA ARG A 58 -4.21 16.22 -11.69
C ARG A 58 -5.23 17.15 -11.09
N SER A 59 -6.45 16.64 -10.91
CA SER A 59 -7.53 17.42 -10.35
C SER A 59 -7.25 17.78 -8.91
N SER A 60 -6.84 16.79 -8.14
CA SER A 60 -6.52 16.99 -6.73
C SER A 60 -5.35 17.94 -6.63
N TRP A 61 -4.44 17.84 -7.61
CA TRP A 61 -3.25 18.68 -7.62
C TRP A 61 -3.63 20.15 -7.73
N ARG A 62 -4.40 20.49 -8.74
CA ARG A 62 -4.83 21.87 -8.90
C ARG A 62 -5.50 22.36 -7.62
N VAL A 63 -6.52 21.64 -7.17
CA VAL A 63 -7.24 22.01 -5.96
C VAL A 63 -6.33 22.37 -4.80
N VAL A 64 -5.40 21.48 -4.48
CA VAL A 64 -4.48 21.72 -3.37
C VAL A 64 -3.43 22.76 -3.70
N SER A 65 -2.95 22.77 -4.94
CA SER A 65 -1.93 23.73 -5.34
C SER A 65 -2.48 25.15 -5.31
N SER A 66 -3.79 25.25 -5.39
CA SER A 66 -4.46 26.55 -5.37
C SER A 66 -4.56 27.09 -3.96
N ILE A 67 -5.22 26.34 -3.08
CA ILE A 67 -5.38 26.74 -1.69
C ILE A 67 -4.00 26.93 -1.03
N GLU A 68 -2.95 26.45 -1.70
CA GLU A 68 -1.59 26.58 -1.19
C GLU A 68 -1.16 28.04 -1.27
N GLN A 69 -1.35 28.62 -2.44
CA GLN A 69 -1.00 30.01 -2.66
C GLN A 69 -1.88 30.93 -1.81
N LYS A 70 -3.21 30.76 -1.94
CA LYS A 70 -4.16 31.58 -1.20
C LYS A 70 -4.21 31.23 0.28
N ALA A 74 -0.99 31.88 6.97
CA ALA A 74 0.18 31.51 7.78
C ALA A 74 1.19 30.66 7.00
N GLU A 75 2.36 30.44 7.60
CA GLU A 75 3.34 29.59 6.97
C GLU A 75 2.96 28.18 7.36
N LYS A 76 2.77 27.94 8.65
CA LYS A 76 2.40 26.61 9.12
C LYS A 76 1.10 26.20 8.43
N LYS A 77 0.30 27.21 8.07
CA LYS A 77 -0.97 26.97 7.39
C LYS A 77 -0.75 26.71 5.89
N GLN A 78 0.37 27.16 5.36
CA GLN A 78 0.67 26.96 3.95
C GLN A 78 1.53 25.74 3.74
N GLN A 79 2.43 25.48 4.68
CA GLN A 79 3.31 24.33 4.59
C GLN A 79 2.46 23.06 4.64
N MET A 80 1.31 23.15 5.31
CA MET A 80 0.40 22.02 5.43
C MET A 80 -0.06 21.67 4.03
N ALA A 81 -0.43 22.70 3.28
CA ALA A 81 -0.90 22.55 1.91
C ALA A 81 0.24 22.30 0.92
N ARG A 82 1.41 22.88 1.19
CA ARG A 82 2.56 22.69 0.29
C ARG A 82 2.99 21.23 0.21
N GLU A 83 3.27 20.63 1.35
CA GLU A 83 3.70 19.24 1.39
C GLU A 83 2.68 18.28 0.82
N TYR A 84 1.39 18.60 0.96
CA TYR A 84 0.33 17.73 0.45
C TYR A 84 0.28 17.74 -1.08
N ARG A 85 0.63 18.88 -1.66
CA ARG A 85 0.63 19.03 -3.10
C ARG A 85 1.86 18.34 -3.67
N GLU A 86 2.87 18.14 -2.83
CA GLU A 86 4.10 17.47 -3.26
C GLU A 86 3.92 15.96 -3.15
N LYS A 87 3.01 15.55 -2.27
CA LYS A 87 2.70 14.13 -2.07
C LYS A 87 1.90 13.65 -3.27
N ILE A 88 0.95 14.46 -3.68
CA ILE A 88 0.10 14.15 -4.81
C ILE A 88 0.92 14.23 -6.10
N GLU A 89 1.73 15.28 -6.19
CA GLU A 89 2.59 15.52 -7.33
C GLU A 89 3.45 14.32 -7.69
N THR A 90 4.08 13.74 -6.67
CA THR A 90 4.92 12.58 -6.93
C THR A 90 4.03 11.36 -7.25
N GLU A 91 2.85 11.30 -6.62
CA GLU A 91 1.89 10.23 -6.85
C GLU A 91 1.52 10.31 -8.33
N LEU A 92 1.39 11.55 -8.80
CA LEU A 92 1.02 11.88 -10.16
C LEU A 92 2.19 11.60 -11.10
N ARG A 93 3.38 11.97 -10.65
CA ARG A 93 4.57 11.76 -11.46
C ARG A 93 4.80 10.29 -11.68
N ASP A 94 4.39 9.46 -10.71
CA ASP A 94 4.56 8.01 -10.84
C ASP A 94 3.70 7.44 -11.93
N ILE A 95 2.41 7.80 -11.93
CA ILE A 95 1.48 7.31 -12.94
C ILE A 95 2.02 7.64 -14.35
N CYS A 96 2.44 8.88 -14.54
CA CYS A 96 2.96 9.35 -15.83
C CYS A 96 4.15 8.54 -16.31
N ASN A 97 5.07 8.26 -15.39
CA ASN A 97 6.25 7.49 -15.74
C ASN A 97 5.92 6.03 -16.13
N ASP A 98 4.92 5.41 -15.50
CA ASP A 98 4.56 4.03 -15.86
C ASP A 98 3.98 4.02 -17.25
N VAL A 99 3.04 4.92 -17.51
CA VAL A 99 2.39 4.99 -18.81
C VAL A 99 3.41 5.36 -19.87
N LEU A 100 4.19 6.41 -19.61
CA LEU A 100 5.21 6.88 -20.55
C LEU A 100 6.19 5.77 -20.91
N SER A 101 6.53 4.94 -19.93
CA SER A 101 7.44 3.83 -20.15
C SER A 101 6.69 2.78 -20.98
N LEU A 102 5.48 2.47 -20.53
CA LEU A 102 4.65 1.49 -21.20
C LEU A 102 4.44 1.89 -22.65
N LEU A 103 4.55 3.19 -22.92
CA LEU A 103 4.36 3.69 -24.27
C LEU A 103 5.60 3.59 -25.11
N GLU A 104 6.69 4.17 -24.63
CA GLU A 104 7.93 4.17 -25.38
C GLU A 104 8.58 2.80 -25.52
N LYS A 105 8.38 1.94 -24.55
CA LYS A 105 9.00 0.61 -24.56
C LYS A 105 8.19 -0.52 -25.19
N PHE A 106 6.87 -0.45 -25.06
CA PHE A 106 6.00 -1.49 -25.61
C PHE A 106 4.99 -0.99 -26.65
N LEU A 107 4.06 -0.16 -26.21
CA LEU A 107 3.03 0.37 -27.12
C LEU A 107 3.50 0.98 -28.44
N ILE A 108 4.13 2.13 -28.39
CA ILE A 108 4.57 2.82 -29.61
C ILE A 108 5.43 2.00 -30.58
N PRO A 109 6.57 1.47 -30.12
CA PRO A 109 7.42 0.67 -31.02
C PRO A 109 6.73 -0.55 -31.60
N ASN A 110 5.62 -0.91 -31.00
CA ASN A 110 4.87 -2.09 -31.42
C ASN A 110 3.40 -1.76 -31.73
N ALA A 111 3.20 -1.11 -32.87
CA ALA A 111 1.87 -0.73 -33.34
C ALA A 111 1.92 -0.51 -34.84
N SER A 112 1.24 -1.37 -35.58
CA SER A 112 1.22 -1.28 -37.04
C SER A 112 0.36 -0.10 -37.51
N GLN A 113 -0.93 -0.20 -37.26
CA GLN A 113 -1.91 0.83 -37.64
C GLN A 113 -1.41 2.25 -37.39
N ALA A 114 -1.28 3.03 -38.46
CA ALA A 114 -0.82 4.41 -38.32
C ALA A 114 -1.68 5.15 -37.30
N GLU A 115 -2.96 4.78 -37.21
CA GLU A 115 -3.88 5.41 -36.26
C GLU A 115 -3.55 4.97 -34.84
N SER A 116 -2.71 3.95 -34.72
CA SER A 116 -2.28 3.45 -33.43
C SER A 116 -1.02 4.23 -33.13
N LYS A 117 -0.17 4.37 -34.13
CA LYS A 117 1.07 5.10 -33.99
C LYS A 117 0.84 6.57 -33.66
N VAL A 118 -0.35 7.07 -33.98
CA VAL A 118 -0.69 8.47 -33.70
C VAL A 118 -1.50 8.51 -32.40
N PHE A 119 -2.15 7.41 -32.08
CA PHE A 119 -2.95 7.33 -30.87
C PHE A 119 -2.04 7.21 -29.66
N TYR A 120 -1.13 6.24 -29.72
CA TYR A 120 -0.21 6.02 -28.61
C TYR A 120 0.69 7.24 -28.49
N LEU A 121 1.08 7.79 -29.64
CA LEU A 121 1.95 8.94 -29.66
C LEU A 121 1.25 10.19 -29.12
N LYS A 122 -0.07 10.23 -29.24
CA LYS A 122 -0.82 11.37 -28.71
C LYS A 122 -0.70 11.22 -27.20
N MET A 123 -0.94 10.01 -26.70
CA MET A 123 -0.84 9.75 -25.29
C MET A 123 0.50 10.21 -24.76
N LYS A 124 1.57 9.79 -25.45
CA LYS A 124 2.93 10.15 -25.07
C LYS A 124 3.02 11.65 -24.93
N GLY A 125 2.42 12.36 -25.87
CA GLY A 125 2.46 13.81 -25.80
C GLY A 125 1.66 14.30 -24.63
N ASP A 126 0.56 13.60 -24.37
CA ASP A 126 -0.36 13.93 -23.27
C ASP A 126 0.26 13.78 -21.89
N TYR A 127 0.71 12.57 -21.57
CA TYR A 127 1.30 12.31 -20.27
C TYR A 127 2.57 13.09 -19.98
N TYR A 128 3.36 13.39 -21.00
CA TYR A 128 4.59 14.18 -20.80
C TYR A 128 4.15 15.60 -20.45
N ARG A 129 2.99 16.01 -20.97
CA ARG A 129 2.43 17.32 -20.70
C ARG A 129 1.90 17.45 -19.28
N TYR A 130 1.30 16.38 -18.75
CA TYR A 130 0.77 16.40 -17.38
C TYR A 130 1.96 16.43 -16.42
N LEU A 131 3.05 15.83 -16.88
CA LEU A 131 4.30 15.73 -16.15
C LEU A 131 4.99 17.09 -16.19
N ALA A 132 4.63 17.88 -17.21
CA ALA A 132 5.16 19.23 -17.40
C ALA A 132 4.34 20.22 -16.58
N GLU A 133 3.03 19.96 -16.45
CA GLU A 133 2.16 20.83 -15.67
C GLU A 133 2.67 20.94 -14.24
N VAL A 134 2.75 19.79 -13.56
CA VAL A 134 3.22 19.72 -12.18
C VAL A 134 4.73 19.89 -12.12
N ALA A 135 5.37 19.79 -13.27
CA ALA A 135 6.82 19.95 -13.35
C ALA A 135 7.23 21.34 -12.90
N ALA A 136 8.32 21.41 -12.14
CA ALA A 136 8.83 22.67 -11.63
C ALA A 136 10.35 22.62 -11.79
N GLY A 137 10.99 23.78 -11.71
CA GLY A 137 12.44 23.81 -11.81
C GLY A 137 13.02 23.85 -13.21
N ASP A 138 14.24 23.35 -13.33
CA ASP A 138 14.99 23.36 -14.59
C ASP A 138 14.62 22.24 -15.54
N ASP A 139 14.58 21.03 -15.00
CA ASP A 139 14.21 19.87 -15.80
C ASP A 139 12.88 20.12 -16.54
N LYS A 140 12.20 21.19 -16.15
CA LYS A 140 10.91 21.58 -16.77
C LYS A 140 11.02 21.69 -18.28
N LYS A 141 11.72 22.73 -18.75
CA LYS A 141 11.88 22.96 -20.19
C LYS A 141 12.14 21.67 -20.95
N GLY A 142 12.78 20.71 -20.30
CA GLY A 142 13.11 19.45 -20.93
C GLY A 142 11.92 18.54 -21.19
N ILE A 143 11.00 18.49 -20.22
CA ILE A 143 9.81 17.64 -20.35
C ILE A 143 8.80 18.32 -21.27
N VAL A 144 8.85 19.64 -21.30
CA VAL A 144 7.94 20.42 -22.13
C VAL A 144 8.28 20.15 -23.57
N ASP A 145 9.54 19.79 -23.80
CA ASP A 145 10.02 19.52 -25.14
C ASP A 145 9.65 18.11 -25.60
N GLN A 146 9.77 17.15 -24.69
CA GLN A 146 9.44 15.77 -24.98
C GLN A 146 7.99 15.66 -25.46
N SER A 147 7.16 16.55 -24.94
CA SER A 147 5.73 16.59 -25.29
C SER A 147 5.53 17.15 -26.69
N GLN A 148 6.04 18.37 -26.89
CA GLN A 148 5.93 19.04 -28.18
C GLN A 148 6.30 18.07 -29.28
N GLN A 149 7.48 17.47 -29.16
CA GLN A 149 7.97 16.52 -30.15
C GLN A 149 7.07 15.30 -30.36
N ALA A 150 6.63 14.69 -29.27
CA ALA A 150 5.76 13.52 -29.34
C ALA A 150 4.45 13.90 -30.04
N TYR A 151 3.92 15.08 -29.73
CA TYR A 151 2.69 15.59 -30.33
C TYR A 151 2.91 15.85 -31.83
N GLN A 152 4.00 16.57 -32.15
CA GLN A 152 4.35 16.91 -33.53
C GLN A 152 4.56 15.65 -34.36
N GLU A 153 5.31 14.70 -33.81
CA GLU A 153 5.58 13.43 -34.47
C GLU A 153 4.26 12.72 -34.80
N ALA A 154 3.22 13.03 -34.05
CA ALA A 154 1.91 12.42 -34.26
C ALA A 154 1.07 13.28 -35.19
N PHE A 155 1.14 14.61 -35.01
CA PHE A 155 0.38 15.52 -35.84
C PHE A 155 0.74 15.30 -37.30
N GLU A 156 2.03 15.29 -37.59
CA GLU A 156 2.49 15.09 -38.96
C GLU A 156 2.08 13.72 -39.50
N ILE A 157 1.96 12.72 -38.63
CA ILE A 157 1.56 11.40 -39.10
C ILE A 157 0.10 11.39 -39.48
N SER A 158 -0.74 12.06 -38.68
CA SER A 158 -2.16 12.11 -38.95
C SER A 158 -2.40 13.12 -40.07
N LYS A 159 -1.59 14.17 -40.07
CA LYS A 159 -1.66 15.24 -41.07
C LYS A 159 -1.16 14.69 -42.41
N LYS A 160 -1.11 13.36 -42.52
CA LYS A 160 -0.66 12.70 -43.74
C LYS A 160 -1.19 11.26 -43.73
N GLU A 161 -2.25 11.02 -42.96
CA GLU A 161 -2.80 9.67 -42.85
C GLU A 161 -4.27 9.57 -42.44
N MET A 162 -4.85 10.67 -41.99
CA MET A 162 -6.24 10.64 -41.54
C MET A 162 -7.03 11.85 -41.96
N GLN A 163 -8.26 11.61 -42.41
CA GLN A 163 -9.13 12.71 -42.82
C GLN A 163 -9.34 13.65 -41.63
N PRO A 164 -9.30 14.99 -41.87
CA PRO A 164 -9.49 15.98 -40.80
C PRO A 164 -10.79 15.81 -40.01
N THR A 165 -11.60 14.82 -40.39
CA THR A 165 -12.87 14.57 -39.73
C THR A 165 -12.71 13.43 -38.72
N HIS A 166 -11.63 12.66 -38.87
CA HIS A 166 -11.39 11.54 -37.97
C HIS A 166 -11.18 12.05 -36.56
N PRO A 167 -11.90 11.47 -35.59
CA PRO A 167 -11.80 11.88 -34.19
C PRO A 167 -10.39 11.91 -33.61
N ILE A 168 -9.68 10.80 -33.70
CA ILE A 168 -8.32 10.71 -33.19
C ILE A 168 -7.46 11.89 -33.63
N ARG A 169 -7.49 12.23 -34.92
CA ARG A 169 -6.70 13.35 -35.40
C ARG A 169 -7.24 14.67 -34.89
N LEU A 170 -8.55 14.74 -34.70
CA LEU A 170 -9.19 15.96 -34.20
C LEU A 170 -8.74 16.14 -32.77
N GLY A 171 -8.78 15.05 -32.02
CA GLY A 171 -8.36 15.09 -30.63
C GLY A 171 -6.90 15.48 -30.54
N LEU A 172 -6.08 14.90 -31.41
CA LEU A 172 -4.67 15.22 -31.43
C LEU A 172 -4.49 16.72 -31.59
N ALA A 173 -5.24 17.29 -32.53
CA ALA A 173 -5.16 18.72 -32.78
C ALA A 173 -5.61 19.46 -31.54
N LEU A 174 -6.69 18.96 -30.94
CA LEU A 174 -7.27 19.57 -29.74
C LEU A 174 -6.29 19.64 -28.58
N ASN A 175 -5.77 18.48 -28.18
CA ASN A 175 -4.82 18.40 -27.07
C ASN A 175 -3.54 19.13 -27.42
N PHE A 176 -3.13 19.03 -28.69
CA PHE A 176 -1.91 19.70 -29.13
C PHE A 176 -2.07 21.21 -28.94
N SER A 177 -3.13 21.76 -29.52
CA SER A 177 -3.40 23.19 -29.40
C SER A 177 -3.36 23.64 -27.94
N VAL A 178 -3.94 22.83 -27.05
CA VAL A 178 -3.96 23.14 -25.63
C VAL A 178 -2.55 23.11 -25.05
N PHE A 179 -1.70 22.27 -25.60
CA PHE A 179 -0.33 22.18 -25.13
C PHE A 179 0.34 23.52 -25.36
N TYR A 180 0.15 24.07 -26.55
CA TYR A 180 0.72 25.34 -26.93
C TYR A 180 0.20 26.50 -26.10
N TYR A 181 -1.10 26.49 -25.83
CA TYR A 181 -1.71 27.56 -25.05
C TYR A 181 -1.24 27.58 -23.60
N GLU A 182 -1.63 26.55 -22.83
CA GLU A 182 -1.27 26.45 -21.41
C GLU A 182 0.20 26.20 -21.10
N ILE A 183 0.74 25.10 -21.65
CA ILE A 183 2.13 24.73 -21.39
C ILE A 183 3.19 25.65 -21.98
N LEU A 184 3.27 25.67 -23.31
CA LEU A 184 4.26 26.47 -24.04
C LEU A 184 3.86 27.94 -24.23
N ASN A 185 3.19 28.51 -23.22
CA ASN A 185 2.71 29.91 -23.23
C ASN A 185 2.67 30.62 -24.58
N SER A 186 2.24 29.93 -25.63
CA SER A 186 2.16 30.54 -26.94
C SER A 186 0.70 30.68 -27.49
N PRO A 187 -0.08 31.63 -26.92
CA PRO A 187 -1.48 31.87 -27.36
C PRO A 187 -1.62 32.10 -28.88
N GLU A 188 -0.49 32.29 -29.57
CA GLU A 188 -0.51 32.49 -31.01
C GLU A 188 -0.79 31.14 -31.66
N LYS A 189 0.26 30.33 -31.73
CA LYS A 189 0.19 28.99 -32.31
C LYS A 189 -1.01 28.20 -31.77
N ALA A 190 -1.48 28.63 -30.59
CA ALA A 190 -2.60 27.99 -29.90
C ALA A 190 -3.84 27.79 -30.76
N CYS A 191 -4.33 28.89 -31.32
CA CYS A 191 -5.52 28.86 -32.18
C CYS A 191 -5.12 28.43 -33.59
N SER A 192 -3.86 28.68 -33.94
CA SER A 192 -3.33 28.35 -35.25
C SER A 192 -3.81 26.97 -35.70
N LEU A 193 -3.45 25.94 -34.96
CA LEU A 193 -3.87 24.59 -35.35
C LEU A 193 -5.30 24.30 -34.95
N ALA A 194 -5.79 25.00 -33.93
CA ALA A 194 -7.16 24.80 -33.47
C ALA A 194 -8.15 25.00 -34.61
N LYS A 195 -8.12 26.19 -35.21
CA LYS A 195 -9.00 26.52 -36.32
C LYS A 195 -8.72 25.57 -37.47
N THR A 196 -7.48 25.62 -37.97
CA THR A 196 -7.05 24.78 -39.08
C THR A 196 -7.65 23.38 -39.05
N ALA A 197 -7.42 22.64 -37.97
CA ALA A 197 -7.93 21.29 -37.84
C ALA A 197 -9.45 21.30 -37.78
N PHE A 198 -10.02 22.43 -37.34
CA PHE A 198 -11.47 22.59 -37.23
C PHE A 198 -12.12 22.89 -38.58
N ASP A 199 -11.59 23.89 -39.30
CA ASP A 199 -12.11 24.26 -40.60
C ASP A 199 -11.92 23.11 -41.58
N GLU A 200 -10.78 22.42 -41.47
CA GLU A 200 -10.48 21.28 -42.33
C GLU A 200 -11.43 20.13 -42.06
N ALA A 201 -11.91 20.04 -40.82
CA ALA A 201 -12.84 19.00 -40.41
C ALA A 201 -14.24 19.35 -40.91
N ILE A 202 -14.56 20.63 -40.96
CA ILE A 202 -15.87 21.08 -41.42
C ILE A 202 -16.05 20.75 -42.90
N ALA A 203 -14.97 20.90 -43.68
CA ALA A 203 -15.01 20.62 -45.11
C ALA A 203 -15.62 19.25 -45.45
N GLU A 204 -15.17 18.18 -44.80
CA GLU A 204 -15.73 16.86 -45.08
C GLU A 204 -16.78 16.48 -44.05
N LEU A 205 -17.24 17.48 -43.28
CA LEU A 205 -18.23 17.26 -42.23
C LEU A 205 -19.43 16.49 -42.76
N ASP A 206 -19.79 16.74 -44.02
CA ASP A 206 -20.93 16.08 -44.63
C ASP A 206 -20.66 14.61 -44.94
N THR A 207 -19.48 14.12 -44.55
CA THR A 207 -19.09 12.72 -44.75
C THR A 207 -19.42 11.99 -43.45
N LEU A 208 -18.47 12.04 -42.52
CA LEU A 208 -18.58 11.43 -41.21
C LEU A 208 -19.72 10.45 -41.27
N SER A 209 -19.56 9.36 -42.04
CA SER A 209 -20.65 8.40 -42.11
C SER A 209 -21.13 8.31 -40.69
N GLU A 210 -22.38 7.88 -40.58
CA GLU A 210 -23.04 7.76 -39.30
C GLU A 210 -22.16 7.10 -38.23
N GLU A 211 -20.89 6.83 -38.54
CA GLU A 211 -20.01 6.20 -37.57
C GLU A 211 -19.13 7.16 -36.78
N SER A 212 -18.07 7.68 -37.42
CA SER A 212 -17.17 8.66 -36.75
C SER A 212 -18.07 9.81 -36.21
N TYR A 213 -19.07 10.14 -37.04
CA TYR A 213 -20.08 11.18 -36.79
C TYR A 213 -20.06 11.88 -35.43
N LYS A 214 -20.54 11.21 -34.39
CA LYS A 214 -20.59 11.76 -33.04
C LYS A 214 -19.27 12.31 -32.53
N ASP A 215 -18.37 11.42 -32.12
CA ASP A 215 -17.07 11.81 -31.58
C ASP A 215 -16.40 12.91 -32.40
N SER A 216 -16.51 12.81 -33.72
CA SER A 216 -15.94 13.81 -34.59
C SER A 216 -16.48 15.19 -34.21
N THR A 217 -17.80 15.31 -34.19
CA THR A 217 -18.46 16.56 -33.84
C THR A 217 -18.16 16.96 -32.40
N LEU A 218 -18.26 16.02 -31.47
CA LEU A 218 -18.00 16.29 -30.06
C LEU A 218 -16.68 17.06 -29.89
N ILE A 219 -15.63 16.54 -30.51
CA ILE A 219 -14.31 17.14 -30.43
C ILE A 219 -14.26 18.52 -31.07
N MET A 220 -14.69 18.60 -32.33
CA MET A 220 -14.73 19.87 -33.05
C MET A 220 -15.39 20.93 -32.19
N GLN A 221 -16.38 20.49 -31.42
CA GLN A 221 -17.11 21.38 -30.54
C GLN A 221 -16.10 21.88 -29.54
N LEU A 222 -15.41 20.95 -28.89
CA LEU A 222 -14.39 21.31 -27.92
C LEU A 222 -13.32 22.15 -28.61
N LEU A 223 -12.95 21.72 -29.82
CA LEU A 223 -11.95 22.44 -30.61
C LEU A 223 -12.41 23.87 -30.76
N ARG A 224 -13.70 24.04 -31.03
CA ARG A 224 -14.28 25.36 -31.20
C ARG A 224 -14.48 26.07 -29.86
N ASP A 225 -15.02 25.35 -28.88
CA ASP A 225 -15.23 25.94 -27.57
C ASP A 225 -13.92 26.54 -27.12
N ASN A 226 -12.82 25.85 -27.41
CA ASN A 226 -11.48 26.33 -27.05
C ASN A 226 -11.23 27.66 -27.73
N LEU A 227 -11.33 27.66 -29.06
CA LEU A 227 -11.11 28.86 -29.88
C LEU A 227 -11.89 30.07 -29.34
N THR A 228 -13.15 29.83 -29.01
CA THR A 228 -14.03 30.86 -28.48
C THR A 228 -13.44 31.51 -27.23
N LEU A 229 -13.42 30.75 -26.15
CA LEU A 229 -12.89 31.25 -24.89
C LEU A 229 -11.40 31.56 -24.90
N TRP A 230 -10.77 31.53 -26.07
CA TRP A 230 -9.36 31.90 -26.18
C TRP A 230 -9.27 33.35 -26.69
N THR A 231 -10.35 33.81 -27.32
CA THR A 231 -10.43 35.19 -27.84
C THR A 231 -11.28 36.04 -26.87
N SER A 232 -11.09 37.28 -26.86
N GLY B 1 0.65 14.19 23.53
CA GLY B 1 1.36 15.47 23.41
C GLY B 1 2.24 15.26 22.23
N SER B 2 2.16 14.05 21.69
CA SER B 2 2.94 13.65 20.53
C SER B 2 2.49 14.23 19.19
N MET B 3 1.41 15.02 19.17
CA MET B 3 0.93 15.61 17.93
C MET B 3 -0.17 16.70 18.04
N ASP B 4 -0.37 17.44 16.95
CA ASP B 4 -1.32 18.56 16.86
C ASP B 4 -2.73 18.22 16.35
N LYS B 5 -3.63 18.00 17.30
CA LYS B 5 -5.03 17.64 17.03
C LYS B 5 -5.79 18.59 16.10
N ASN B 6 -5.33 19.82 15.98
CA ASN B 6 -5.97 20.83 15.12
C ASN B 6 -5.54 20.77 13.66
N GLU B 7 -4.25 20.67 13.42
CA GLU B 7 -3.73 20.61 12.07
C GLU B 7 -4.35 19.41 11.37
N LEU B 8 -4.67 18.38 12.15
CA LEU B 8 -5.28 17.19 11.60
C LEU B 8 -6.68 17.49 11.07
N VAL B 9 -7.47 18.24 11.84
CA VAL B 9 -8.81 18.61 11.40
C VAL B 9 -8.70 19.44 10.13
N GLN B 10 -7.62 20.19 10.01
CA GLN B 10 -7.40 21.01 8.83
C GLN B 10 -7.04 20.13 7.65
N LYS B 11 -6.09 19.21 7.86
CA LYS B 11 -5.67 18.29 6.82
C LYS B 11 -6.90 17.52 6.33
N ALA B 12 -7.81 17.22 7.25
CA ALA B 12 -9.03 16.49 6.92
C ALA B 12 -9.97 17.27 5.98
N LYS B 13 -9.95 18.60 6.11
CA LYS B 13 -10.79 19.45 5.30
C LYS B 13 -10.12 19.83 4.00
N LEU B 14 -8.79 19.79 4.00
CA LEU B 14 -8.02 20.08 2.79
C LEU B 14 -8.05 18.83 1.91
N ALA B 15 -8.25 17.67 2.53
CA ALA B 15 -8.31 16.38 1.81
C ALA B 15 -9.69 16.24 1.16
N GLU B 16 -10.71 16.77 1.84
CA GLU B 16 -12.08 16.75 1.34
C GLU B 16 -12.16 17.56 0.05
N GLN B 17 -11.58 18.77 0.09
CA GLN B 17 -11.58 19.65 -1.07
C GLN B 17 -10.90 18.97 -2.24
N ALA B 18 -9.76 18.32 -1.98
CA ALA B 18 -9.04 17.61 -3.04
C ALA B 18 -9.71 16.26 -3.34
N GLU B 19 -10.86 16.01 -2.70
CA GLU B 19 -11.62 14.79 -2.90
C GLU B 19 -10.85 13.50 -2.72
N ARG B 20 -10.06 13.45 -1.66
CA ARG B 20 -9.27 12.28 -1.31
C ARG B 20 -9.77 11.82 0.08
N TYR B 21 -10.93 11.13 0.08
CA TYR B 21 -11.55 10.69 1.32
C TYR B 21 -10.78 9.67 2.11
N ASP B 22 -10.04 8.80 1.42
CA ASP B 22 -9.25 7.81 2.13
C ASP B 22 -8.30 8.63 3.02
N ASP B 23 -7.72 9.68 2.45
CA ASP B 23 -6.83 10.55 3.22
C ASP B 23 -7.66 11.25 4.29
N MET B 24 -8.82 11.76 3.89
CA MET B 24 -9.69 12.46 4.82
C MET B 24 -10.13 11.63 6.02
N ALA B 25 -10.42 10.35 5.77
CA ALA B 25 -10.86 9.48 6.87
C ALA B 25 -9.72 9.22 7.83
N ALA B 26 -8.53 9.06 7.28
CA ALA B 26 -7.35 8.81 8.10
C ALA B 26 -7.10 9.99 9.06
N CYS B 27 -7.19 11.21 8.56
CA CYS B 27 -6.97 12.42 9.37
C CYS B 27 -7.99 12.55 10.48
N MET B 28 -9.18 12.04 10.23
CA MET B 28 -10.26 12.12 11.22
C MET B 28 -10.18 10.98 12.24
N LYS B 29 -9.58 9.86 11.82
CA LYS B 29 -9.40 8.73 12.72
C LYS B 29 -8.41 9.22 13.76
N SER B 30 -7.35 9.84 13.28
CA SER B 30 -6.32 10.39 14.17
C SER B 30 -6.93 11.41 15.15
N VAL B 31 -7.85 12.25 14.68
CA VAL B 31 -8.48 13.26 15.53
C VAL B 31 -9.35 12.64 16.61
N THR B 32 -10.11 11.61 16.25
CA THR B 32 -10.99 10.94 17.21
C THR B 32 -10.19 10.27 18.32
N GLU B 33 -9.06 9.65 17.93
CA GLU B 33 -8.20 8.97 18.89
C GLU B 33 -7.49 9.94 19.84
N GLN B 34 -7.68 11.24 19.65
CA GLN B 34 -7.06 12.23 20.51
C GLN B 34 -7.77 12.25 21.86
N GLY B 35 -9.00 11.73 21.88
CA GLY B 35 -9.76 11.68 23.11
C GLY B 35 -10.85 12.72 23.22
N ALA B 36 -10.52 13.97 22.90
CA ALA B 36 -11.48 15.07 22.97
C ALA B 36 -12.77 14.68 22.29
N GLU B 37 -13.85 15.38 22.61
CA GLU B 37 -15.15 15.09 22.00
C GLU B 37 -15.19 15.81 20.67
N LEU B 38 -15.79 15.19 19.67
CA LEU B 38 -15.88 15.77 18.34
C LEU B 38 -16.87 16.92 18.27
N SER B 39 -16.41 18.08 17.78
CA SER B 39 -17.30 19.23 17.63
C SER B 39 -18.22 18.90 16.48
N ASN B 40 -19.30 19.66 16.31
CA ASN B 40 -20.22 19.37 15.21
C ASN B 40 -19.53 19.33 13.84
N GLU B 41 -18.53 20.20 13.64
CA GLU B 41 -17.80 20.22 12.38
C GLU B 41 -16.96 18.95 12.23
N GLU B 42 -16.11 18.70 13.21
CA GLU B 42 -15.25 17.53 13.20
C GLU B 42 -16.09 16.26 13.07
N ARG B 43 -17.25 16.24 13.72
CA ARG B 43 -18.13 15.07 13.71
C ARG B 43 -18.66 14.77 12.32
N ASN B 44 -18.89 15.82 11.54
CA ASN B 44 -19.38 15.66 10.19
C ASN B 44 -18.23 15.18 9.33
N LEU B 45 -17.12 15.92 9.38
CA LEU B 45 -15.93 15.55 8.63
C LEU B 45 -15.66 14.05 8.78
N LEU B 46 -15.88 13.51 9.97
CA LEU B 46 -15.65 12.09 10.24
C LEU B 46 -16.69 11.25 9.51
N SER B 47 -17.96 11.51 9.82
CA SER B 47 -19.08 10.80 9.20
C SER B 47 -18.99 10.86 7.68
N VAL B 48 -18.63 12.04 7.16
CA VAL B 48 -18.48 12.27 5.71
C VAL B 48 -17.34 11.47 5.09
N ALA B 49 -16.14 11.61 5.66
CA ALA B 49 -14.99 10.88 5.17
C ALA B 49 -15.24 9.37 5.14
N TYR B 50 -15.71 8.81 6.25
CA TYR B 50 -15.93 7.37 6.28
C TYR B 50 -17.10 6.84 5.46
N LYS B 51 -18.20 7.59 5.37
CA LYS B 51 -19.31 7.09 4.56
C LYS B 51 -18.94 7.14 3.09
N ASN B 52 -18.05 8.06 2.74
CA ASN B 52 -17.57 8.21 1.38
C ASN B 52 -16.60 7.08 1.03
N VAL B 53 -15.77 6.71 1.99
CA VAL B 53 -14.78 5.66 1.83
C VAL B 53 -15.41 4.27 1.78
N VAL B 54 -16.27 3.95 2.76
CA VAL B 54 -16.93 2.66 2.77
C VAL B 54 -17.93 2.63 1.63
N GLY B 55 -18.38 3.82 1.24
CA GLY B 55 -19.35 3.94 0.17
C GLY B 55 -18.84 3.31 -1.11
N ALA B 56 -17.63 3.71 -1.50
CA ALA B 56 -17.00 3.20 -2.71
C ALA B 56 -16.88 1.67 -2.70
N ARG B 57 -16.54 1.09 -1.55
CA ARG B 57 -16.39 -0.35 -1.44
C ARG B 57 -17.73 -1.12 -1.49
N ARG B 58 -18.76 -0.58 -0.83
CA ARG B 58 -20.06 -1.22 -0.83
C ARG B 58 -20.60 -1.25 -2.23
N SER B 59 -20.45 -0.12 -2.92
CA SER B 59 -20.90 0.00 -4.30
C SER B 59 -20.14 -0.96 -5.22
N SER B 60 -18.81 -0.97 -5.13
CA SER B 60 -17.98 -1.86 -5.94
C SER B 60 -18.29 -3.31 -5.59
N TRP B 61 -18.63 -3.54 -4.32
CA TRP B 61 -18.95 -4.89 -3.84
C TRP B 61 -20.16 -5.42 -4.59
N ARG B 62 -21.27 -4.66 -4.54
CA ARG B 62 -22.47 -5.08 -5.23
C ARG B 62 -22.16 -5.36 -6.69
N VAL B 63 -21.59 -4.39 -7.38
CA VAL B 63 -21.24 -4.52 -8.79
C VAL B 63 -20.53 -5.83 -9.12
N VAL B 64 -19.46 -6.11 -8.38
CA VAL B 64 -18.68 -7.34 -8.60
C VAL B 64 -19.37 -8.60 -8.08
N SER B 65 -20.12 -8.47 -6.98
CA SER B 65 -20.81 -9.62 -6.41
C SER B 65 -21.96 -10.06 -7.33
N SER B 66 -22.43 -9.13 -8.16
CA SER B 66 -23.51 -9.40 -9.11
C SER B 66 -22.98 -10.17 -10.32
N ILE B 67 -22.03 -9.56 -11.04
CA ILE B 67 -21.45 -10.21 -12.21
C ILE B 67 -20.81 -11.54 -11.84
N GLU B 68 -20.69 -11.80 -10.54
CA GLU B 68 -20.11 -13.04 -10.05
C GLU B 68 -21.09 -14.18 -10.26
N GLN B 69 -22.33 -13.97 -9.85
CA GLN B 69 -23.39 -14.96 -9.98
C GLN B 69 -23.77 -15.15 -11.45
N LYS B 70 -24.07 -14.06 -12.14
CA LYS B 70 -24.46 -14.11 -13.55
C LYS B 70 -23.47 -14.97 -14.36
N THR B 71 -22.18 -14.74 -14.15
CA THR B 71 -21.16 -15.55 -14.84
C THR B 71 -20.84 -16.76 -13.93
N GLU B 72 -21.88 -17.23 -13.21
CA GLU B 72 -21.76 -18.38 -12.30
C GLU B 72 -21.89 -19.76 -12.99
N GLU B 75 -16.13 -21.53 -14.65
CA GLU B 75 -15.56 -21.46 -13.32
C GLU B 75 -14.37 -20.51 -13.26
N LYS B 76 -13.39 -20.73 -14.14
CA LYS B 76 -12.23 -19.87 -14.16
C LYS B 76 -12.70 -18.43 -14.40
N LYS B 77 -13.83 -18.30 -15.09
CA LYS B 77 -14.41 -16.98 -15.39
C LYS B 77 -15.16 -16.42 -14.18
N GLN B 78 -15.54 -17.31 -13.26
CA GLN B 78 -16.25 -16.89 -12.07
C GLN B 78 -15.32 -16.74 -10.89
N GLN B 79 -14.28 -17.57 -10.86
CA GLN B 79 -13.31 -17.49 -9.77
C GLN B 79 -12.56 -16.17 -9.85
N MET B 80 -12.47 -15.63 -11.07
CA MET B 80 -11.80 -14.38 -11.30
C MET B 80 -12.60 -13.31 -10.55
N ALA B 81 -13.91 -13.35 -10.71
CA ALA B 81 -14.80 -12.40 -10.07
C ALA B 81 -15.03 -12.71 -8.60
N ARG B 82 -14.98 -14.00 -8.22
CA ARG B 82 -15.19 -14.39 -6.83
C ARG B 82 -14.10 -13.83 -5.94
N GLU B 83 -12.85 -14.07 -6.30
CA GLU B 83 -11.74 -13.60 -5.50
C GLU B 83 -11.67 -12.07 -5.39
N TYR B 84 -12.11 -11.38 -6.44
CA TYR B 84 -12.09 -9.91 -6.46
C TYR B 84 -13.11 -9.30 -5.50
N ARG B 85 -14.23 -10.00 -5.33
CA ARG B 85 -15.28 -9.53 -4.44
C ARG B 85 -14.86 -9.80 -3.01
N GLU B 86 -13.94 -10.75 -2.83
CA GLU B 86 -13.45 -11.10 -1.49
C GLU B 86 -12.35 -10.13 -1.08
N LYS B 87 -11.66 -9.59 -2.09
CA LYS B 87 -10.59 -8.62 -1.86
C LYS B 87 -11.21 -7.30 -1.42
N ILE B 88 -12.30 -6.93 -2.10
CA ILE B 88 -13.02 -5.71 -1.80
C ILE B 88 -13.71 -5.86 -0.46
N GLU B 89 -14.35 -7.01 -0.27
CA GLU B 89 -15.08 -7.36 0.95
C GLU B 89 -14.25 -7.16 2.21
N THR B 90 -13.02 -7.63 2.20
CA THR B 90 -12.16 -7.46 3.35
C THR B 90 -11.71 -5.99 3.45
N GLU B 91 -11.55 -5.34 2.30
CA GLU B 91 -11.16 -3.92 2.23
C GLU B 91 -12.29 -3.13 2.91
N LEU B 92 -13.51 -3.60 2.67
CA LEU B 92 -14.72 -3.00 3.21
C LEU B 92 -14.87 -3.31 4.68
N ARG B 93 -14.58 -4.55 5.03
CA ARG B 93 -14.68 -5.01 6.42
C ARG B 93 -13.69 -4.26 7.28
N ASP B 94 -12.57 -3.84 6.70
CA ASP B 94 -11.57 -3.10 7.45
C ASP B 94 -12.10 -1.72 7.82
N ILE B 95 -12.65 -1.02 6.83
CA ILE B 95 -13.20 0.31 7.07
C ILE B 95 -14.24 0.26 8.22
N CYS B 96 -15.18 -0.67 8.12
CA CYS B 96 -16.22 -0.83 9.12
C CYS B 96 -15.68 -1.04 10.52
N ASN B 97 -14.64 -1.85 10.63
CA ASN B 97 -14.04 -2.15 11.92
C ASN B 97 -13.31 -0.94 12.51
N ASP B 98 -12.73 -0.09 11.66
CA ASP B 98 -12.06 1.10 12.18
C ASP B 98 -13.10 2.08 12.71
N VAL B 99 -14.17 2.28 11.93
CA VAL B 99 -15.24 3.17 12.34
C VAL B 99 -15.93 2.61 13.58
N LEU B 100 -16.34 1.34 13.51
CA LEU B 100 -17.01 0.70 14.62
C LEU B 100 -16.22 0.75 15.93
N SER B 101 -14.90 0.65 15.83
CA SER B 101 -14.03 0.73 17.00
C SER B 101 -13.97 2.18 17.48
N LEU B 102 -13.82 3.08 16.51
CA LEU B 102 -13.76 4.51 16.78
C LEU B 102 -15.04 4.96 17.45
N LEU B 103 -16.14 4.26 17.17
CA LEU B 103 -17.42 4.60 17.73
C LEU B 103 -17.60 4.08 19.14
N GLU B 104 -17.46 2.77 19.32
CA GLU B 104 -17.64 2.14 20.63
C GLU B 104 -16.59 2.47 21.66
N LYS B 105 -15.39 2.79 21.22
CA LYS B 105 -14.31 3.11 22.14
C LYS B 105 -14.11 4.59 22.43
N PHE B 106 -14.37 5.45 21.45
CA PHE B 106 -14.19 6.90 21.64
C PHE B 106 -15.47 7.71 21.50
N LEU B 107 -16.01 7.78 20.28
CA LEU B 107 -17.22 8.54 20.01
C LEU B 107 -18.43 8.35 20.92
N ILE B 108 -19.08 7.21 20.87
CA ILE B 108 -20.27 6.95 21.69
C ILE B 108 -20.12 7.18 23.21
N PRO B 109 -19.17 6.49 23.86
CA PRO B 109 -18.99 6.66 25.31
C PRO B 109 -18.65 8.10 25.72
N ASN B 110 -18.26 8.90 24.74
CA ASN B 110 -17.87 10.28 24.99
C ASN B 110 -18.65 11.27 24.11
N ALA B 111 -19.93 11.46 24.45
CA ALA B 111 -20.82 12.36 23.73
C ALA B 111 -21.96 12.76 24.66
N SER B 112 -21.99 14.03 25.06
CA SER B 112 -23.02 14.52 25.95
C SER B 112 -24.37 14.63 25.24
N GLN B 113 -24.43 15.53 24.27
CA GLN B 113 -25.63 15.78 23.47
C GLN B 113 -26.36 14.51 23.08
N ALA B 114 -27.61 14.37 23.53
CA ALA B 114 -28.40 13.18 23.22
C ALA B 114 -28.47 12.98 21.70
N GLU B 115 -28.42 14.09 20.96
CA GLU B 115 -28.49 14.02 19.51
C GLU B 115 -27.15 13.50 18.96
N SER B 116 -26.14 13.47 19.81
CA SER B 116 -24.82 12.95 19.46
C SER B 116 -24.90 11.47 19.76
N LYS B 117 -25.44 11.15 20.93
CA LYS B 117 -25.60 9.77 21.37
C LYS B 117 -26.51 8.97 20.44
N VAL B 118 -27.33 9.67 19.68
CA VAL B 118 -28.22 8.99 18.75
C VAL B 118 -27.59 9.07 17.36
N PHE B 119 -26.75 10.07 17.14
CA PHE B 119 -26.06 10.25 15.86
C PHE B 119 -24.98 9.20 15.72
N TYR B 120 -24.09 9.14 16.71
CA TYR B 120 -23.01 8.17 16.69
C TYR B 120 -23.59 6.77 16.72
N LEU B 121 -24.65 6.59 17.51
CA LEU B 121 -25.29 5.29 17.64
C LEU B 121 -25.98 4.87 16.36
N LYS B 122 -26.40 5.86 15.56
CA LYS B 122 -27.03 5.56 14.28
C LYS B 122 -25.95 4.98 13.41
N MET B 123 -24.80 5.65 13.40
CA MET B 123 -23.65 5.21 12.64
C MET B 123 -23.31 3.79 13.02
N LYS B 124 -23.22 3.52 14.32
CA LYS B 124 -22.90 2.18 14.80
C LYS B 124 -23.88 1.18 14.19
N GLY B 125 -25.15 1.55 14.15
CA GLY B 125 -26.14 0.67 13.57
C GLY B 125 -25.89 0.51 12.08
N ASP B 126 -25.47 1.61 11.45
CA ASP B 126 -25.19 1.64 10.02
C ASP B 126 -24.01 0.75 9.59
N TYR B 127 -22.82 1.03 10.11
CA TYR B 127 -21.65 0.26 9.76
C TYR B 127 -21.72 -1.22 10.12
N TYR B 128 -22.43 -1.57 11.18
CA TYR B 128 -22.57 -2.99 11.55
C TYR B 128 -23.48 -3.63 10.48
N ARG B 129 -24.33 -2.81 9.89
CA ARG B 129 -25.23 -3.26 8.86
C ARG B 129 -24.49 -3.51 7.55
N TYR B 130 -23.54 -2.63 7.22
CA TYR B 130 -22.77 -2.79 5.99
C TYR B 130 -21.92 -4.02 6.14
N LEU B 131 -21.51 -4.27 7.38
CA LEU B 131 -20.67 -5.41 7.74
C LEU B 131 -21.53 -6.67 7.67
N ALA B 132 -22.84 -6.48 7.77
CA ALA B 132 -23.81 -7.57 7.72
C ALA B 132 -24.17 -7.88 6.28
N GLU B 133 -24.17 -6.86 5.44
CA GLU B 133 -24.50 -7.03 4.03
C GLU B 133 -23.50 -8.00 3.41
N VAL B 134 -22.23 -7.65 3.46
CA VAL B 134 -21.16 -8.47 2.89
C VAL B 134 -20.90 -9.68 3.77
N ALA B 135 -21.41 -9.64 4.99
CA ALA B 135 -21.24 -10.74 5.92
C ALA B 135 -21.83 -12.02 5.36
N ALA B 136 -21.13 -13.12 5.54
CA ALA B 136 -21.60 -14.42 5.06
C ALA B 136 -21.31 -15.42 6.15
N GLY B 137 -21.94 -16.59 6.07
CA GLY B 137 -21.70 -17.61 7.07
C GLY B 137 -22.51 -17.54 8.34
N ASP B 138 -21.94 -18.09 9.42
CA ASP B 138 -22.59 -18.15 10.71
C ASP B 138 -22.49 -16.88 11.50
N ASP B 139 -21.29 -16.34 11.60
CA ASP B 139 -21.08 -15.10 12.34
C ASP B 139 -22.08 -14.02 11.87
N LYS B 140 -22.73 -14.30 10.75
CA LYS B 140 -23.71 -13.39 10.16
C LYS B 140 -24.77 -12.94 11.18
N LYS B 141 -25.66 -13.86 11.52
CA LYS B 141 -26.73 -13.58 12.47
C LYS B 141 -26.25 -12.73 13.63
N GLY B 142 -24.98 -12.89 14.00
CA GLY B 142 -24.43 -12.13 15.11
C GLY B 142 -24.22 -10.66 14.86
N ILE B 143 -23.75 -10.34 13.66
CA ILE B 143 -23.50 -8.96 13.30
C ILE B 143 -24.83 -8.28 12.99
N VAL B 144 -25.79 -9.06 12.51
CA VAL B 144 -27.11 -8.55 12.18
C VAL B 144 -27.81 -8.09 13.44
N ASP B 145 -27.44 -8.72 14.54
CA ASP B 145 -28.02 -8.39 15.84
C ASP B 145 -27.38 -7.12 16.43
N GLN B 146 -26.07 -7.00 16.28
CA GLN B 146 -25.34 -5.84 16.80
C GLN B 146 -25.90 -4.56 16.21
N SER B 147 -26.42 -4.66 14.99
CA SER B 147 -26.99 -3.51 14.29
C SER B 147 -28.36 -3.18 14.87
N GLN B 148 -29.24 -4.18 14.86
CA GLN B 148 -30.59 -4.00 15.36
C GLN B 148 -30.55 -3.31 16.71
N GLN B 149 -29.75 -3.83 17.63
CA GLN B 149 -29.62 -3.26 18.97
C GLN B 149 -29.09 -1.83 18.99
N ALA B 150 -28.04 -1.57 18.22
CA ALA B 150 -27.46 -0.24 18.16
C ALA B 150 -28.49 0.74 17.60
N TYR B 151 -29.25 0.30 16.60
CA TYR B 151 -30.29 1.14 16.00
C TYR B 151 -31.41 1.38 17.02
N GLN B 152 -31.87 0.31 17.67
CA GLN B 152 -32.94 0.37 18.66
C GLN B 152 -32.54 1.26 19.82
N GLU B 153 -31.32 1.08 20.30
CA GLU B 153 -30.80 1.85 21.41
C GLU B 153 -30.82 3.35 21.03
N ALA B 154 -30.77 3.62 19.74
CA ALA B 154 -30.79 5.00 19.24
C ALA B 154 -32.22 5.46 18.96
N PHE B 155 -33.02 4.59 18.38
CA PHE B 155 -34.42 4.92 18.09
C PHE B 155 -35.11 5.33 19.37
N GLU B 156 -35.01 4.51 20.39
CA GLU B 156 -35.63 4.81 21.66
C GLU B 156 -35.14 6.10 22.27
N ILE B 157 -33.87 6.44 22.04
CA ILE B 157 -33.33 7.68 22.59
C ILE B 157 -33.93 8.89 21.90
N SER B 158 -34.06 8.81 20.58
CA SER B 158 -34.63 9.90 19.80
C SER B 158 -36.15 9.90 20.00
N LYS B 159 -36.71 8.70 20.11
CA LYS B 159 -38.14 8.50 20.31
C LYS B 159 -38.51 8.95 21.71
N LYS B 160 -37.63 9.73 22.32
CA LYS B 160 -37.85 10.25 23.67
C LYS B 160 -36.94 11.46 23.87
N GLU B 161 -36.50 12.08 22.77
CA GLU B 161 -35.59 13.23 22.84
C GLU B 161 -35.60 14.18 21.65
N MET B 162 -36.23 13.79 20.55
CA MET B 162 -36.25 14.64 19.38
C MET B 162 -37.58 14.67 18.65
N GLN B 163 -38.00 15.87 18.25
CA GLN B 163 -39.26 16.03 17.54
C GLN B 163 -39.18 15.18 16.27
N PRO B 164 -40.26 14.48 15.92
CA PRO B 164 -40.31 13.63 14.73
C PRO B 164 -39.98 14.36 13.42
N THR B 165 -39.71 15.65 13.51
CA THR B 165 -39.38 16.47 12.35
C THR B 165 -37.87 16.67 12.25
N HIS B 166 -37.18 16.40 13.35
CA HIS B 166 -35.73 16.54 13.39
C HIS B 166 -35.10 15.55 12.41
N PRO B 167 -34.24 16.04 11.52
CA PRO B 167 -33.59 15.21 10.51
C PRO B 167 -32.90 13.97 11.04
N ILE B 168 -32.00 14.15 12.01
CA ILE B 168 -31.28 13.00 12.56
C ILE B 168 -32.20 11.85 12.96
N ARG B 169 -33.31 12.17 13.64
CA ARG B 169 -34.24 11.12 14.04
C ARG B 169 -34.96 10.54 12.84
N LEU B 170 -35.23 11.37 11.85
CA LEU B 170 -35.90 10.93 10.63
C LEU B 170 -34.98 9.94 9.94
N GLY B 171 -33.71 10.35 9.80
CA GLY B 171 -32.70 9.51 9.18
C GLY B 171 -32.58 8.19 9.91
N LEU B 172 -32.57 8.27 11.24
CA LEU B 172 -32.47 7.07 12.06
C LEU B 172 -33.61 6.13 11.73
N ALA B 173 -34.82 6.70 11.61
CA ALA B 173 -35.98 5.91 11.27
C ALA B 173 -35.80 5.34 9.88
N LEU B 174 -35.28 6.17 8.98
CA LEU B 174 -35.05 5.78 7.58
C LEU B 174 -34.09 4.59 7.45
N ASN B 175 -32.88 4.75 7.96
CA ASN B 175 -31.89 3.69 7.89
C ASN B 175 -32.37 2.48 8.66
N PHE B 176 -33.01 2.72 9.80
CA PHE B 176 -33.50 1.61 10.60
C PHE B 176 -34.49 0.78 9.80
N SER B 177 -35.51 1.44 9.25
CA SER B 177 -36.52 0.74 8.46
C SER B 177 -35.87 -0.10 7.36
N VAL B 178 -34.86 0.46 6.70
CA VAL B 178 -34.15 -0.23 5.63
C VAL B 178 -33.42 -1.45 6.18
N PHE B 179 -32.99 -1.36 7.43
CA PHE B 179 -32.29 -2.46 8.08
C PHE B 179 -33.23 -3.63 8.16
N TYR B 180 -34.46 -3.36 8.58
CA TYR B 180 -35.49 -4.38 8.71
C TYR B 180 -35.90 -4.99 7.39
N TYR B 181 -36.00 -4.17 6.34
CA TYR B 181 -36.40 -4.65 5.02
C TYR B 181 -35.32 -5.52 4.37
N GLU B 182 -34.19 -4.93 4.03
CA GLU B 182 -33.10 -5.65 3.38
C GLU B 182 -32.36 -6.69 4.23
N ILE B 183 -31.83 -6.26 5.37
CA ILE B 183 -31.07 -7.15 6.25
C ILE B 183 -31.87 -8.23 6.96
N LEU B 184 -32.73 -7.80 7.87
CA LEU B 184 -33.55 -8.70 8.67
C LEU B 184 -34.80 -9.18 7.96
N ASN B 185 -34.71 -9.40 6.64
CA ASN B 185 -35.84 -9.86 5.81
C ASN B 185 -37.25 -9.75 6.40
N SER B 186 -37.55 -8.62 7.04
CA SER B 186 -38.86 -8.43 7.65
C SER B 186 -39.67 -7.30 7.01
N PRO B 187 -40.13 -7.51 5.76
CA PRO B 187 -40.92 -6.48 5.05
C PRO B 187 -42.11 -5.92 5.84
N GLU B 188 -42.46 -6.59 6.94
CA GLU B 188 -43.57 -6.14 7.79
C GLU B 188 -43.12 -4.91 8.56
N LYS B 189 -42.31 -5.16 9.58
CA LYS B 189 -41.77 -4.12 10.44
C LYS B 189 -41.13 -3.00 9.60
N ALA B 190 -40.73 -3.35 8.38
CA ALA B 190 -40.08 -2.40 7.45
C ALA B 190 -40.82 -1.08 7.30
N CYS B 191 -42.08 -1.16 6.90
CA CYS B 191 -42.91 0.02 6.69
C CYS B 191 -43.46 0.51 8.02
N SER B 192 -43.56 -0.41 8.98
CA SER B 192 -44.05 -0.11 10.30
C SER B 192 -43.50 1.22 10.80
N LEU B 193 -42.18 1.29 10.96
CA LEU B 193 -41.57 2.51 11.45
C LEU B 193 -41.43 3.55 10.37
N ALA B 194 -41.37 3.12 9.12
CA ALA B 194 -41.24 4.06 8.01
C ALA B 194 -42.38 5.06 8.05
N LYS B 195 -43.61 4.56 7.99
CA LYS B 195 -44.78 5.42 8.02
C LYS B 195 -44.80 6.21 9.32
N THR B 196 -44.85 5.48 10.43
CA THR B 196 -44.88 6.07 11.76
C THR B 196 -44.01 7.32 11.90
N ALA B 197 -42.72 7.18 11.64
CA ALA B 197 -41.79 8.31 11.74
C ALA B 197 -42.11 9.37 10.69
N PHE B 198 -42.76 8.96 9.61
CA PHE B 198 -43.16 9.86 8.52
C PHE B 198 -44.41 10.66 8.87
N ASP B 199 -45.46 9.96 9.30
CA ASP B 199 -46.71 10.60 9.67
C ASP B 199 -46.47 11.52 10.86
N GLU B 200 -45.68 11.04 11.81
CA GLU B 200 -45.35 11.81 13.00
C GLU B 200 -44.57 13.07 12.62
N ALA B 201 -43.81 12.99 11.53
CA ALA B 201 -43.01 14.11 11.06
C ALA B 201 -43.90 15.12 10.35
N ILE B 202 -44.95 14.61 9.71
CA ILE B 202 -45.89 15.47 9.00
C ILE B 202 -46.68 16.35 9.95
N ALA B 203 -47.03 15.81 11.12
CA ALA B 203 -47.80 16.54 12.13
C ALA B 203 -47.21 17.91 12.48
N GLU B 204 -45.90 17.97 12.76
CA GLU B 204 -45.26 19.26 13.08
C GLU B 204 -44.54 19.82 11.88
N LEU B 205 -44.85 19.28 10.71
CA LEU B 205 -44.23 19.69 9.45
C LEU B 205 -44.31 21.20 9.32
N ASP B 206 -45.40 21.79 9.83
CA ASP B 206 -45.59 23.24 9.76
C ASP B 206 -44.68 24.03 10.69
N THR B 207 -43.75 23.32 11.35
CA THR B 207 -42.77 23.94 12.26
C THR B 207 -41.45 24.16 11.46
N LEU B 208 -40.53 23.19 11.57
CA LEU B 208 -39.23 23.19 10.87
C LEU B 208 -38.65 24.57 10.53
N GLU B 211 -35.07 26.15 9.05
CA GLU B 211 -33.70 25.65 9.16
C GLU B 211 -33.64 24.15 8.83
N SER B 212 -34.15 23.33 9.75
CA SER B 212 -34.20 21.85 9.56
C SER B 212 -34.86 21.63 8.20
N TYR B 213 -35.85 22.50 7.91
CA TYR B 213 -36.62 22.51 6.67
C TYR B 213 -36.22 21.53 5.56
N LYS B 214 -35.15 21.87 4.84
CA LYS B 214 -34.65 21.05 3.73
C LYS B 214 -34.43 19.58 4.09
N ASP B 215 -33.32 19.30 4.78
CA ASP B 215 -32.98 17.94 5.18
C ASP B 215 -34.16 17.15 5.70
N SER B 216 -35.00 17.81 6.49
CA SER B 216 -36.18 17.18 7.06
C SER B 216 -37.03 16.61 5.92
N THR B 217 -37.35 17.47 4.95
CA THR B 217 -38.15 17.07 3.79
C THR B 217 -37.42 16.04 2.91
N LEU B 218 -36.14 16.30 2.64
CA LEU B 218 -35.34 15.38 1.82
C LEU B 218 -35.48 13.95 2.30
N ILE B 219 -35.32 13.75 3.60
CA ILE B 219 -35.42 12.43 4.21
C ILE B 219 -36.82 11.86 4.10
N MET B 220 -37.81 12.62 4.55
CA MET B 220 -39.21 12.20 4.49
C MET B 220 -39.53 11.72 3.08
N GLN B 221 -38.88 12.35 2.11
CA GLN B 221 -39.07 11.99 0.71
C GLN B 221 -38.54 10.58 0.57
N LEU B 222 -37.30 10.38 1.00
CA LEU B 222 -36.70 9.05 0.93
C LEU B 222 -37.56 8.10 1.75
N LEU B 223 -37.95 8.54 2.94
CA LEU B 223 -38.80 7.74 3.82
C LEU B 223 -40.04 7.29 3.04
N ARG B 224 -40.61 8.22 2.27
CA ARG B 224 -41.79 7.92 1.48
C ARG B 224 -41.43 7.12 0.22
N ASP B 225 -40.36 7.52 -0.45
CA ASP B 225 -39.93 6.82 -1.65
C ASP B 225 -39.80 5.35 -1.29
N ASN B 226 -39.27 5.10 -0.10
CA ASN B 226 -39.10 3.74 0.38
C ASN B 226 -40.45 3.05 0.45
N LEU B 227 -41.36 3.63 1.22
CA LEU B 227 -42.72 3.11 1.39
C LEU B 227 -43.36 2.75 0.06
N THR B 228 -43.25 3.66 -0.90
CA THR B 228 -43.82 3.46 -2.22
C THR B 228 -43.30 2.17 -2.83
N LEU B 229 -42.02 2.17 -3.19
CA LEU B 229 -41.40 1.01 -3.81
C LEU B 229 -41.25 -0.21 -2.91
N TRP B 230 -41.58 -0.10 -1.62
CA TRP B 230 -41.46 -1.29 -0.76
C TRP B 230 -42.60 -2.25 -1.09
N THR B 231 -42.77 -3.26 -0.36
N GLY C 1 -18.48 -6.85 18.38
CA GLY C 1 -19.04 -8.17 18.16
C GLY C 1 -18.77 -8.43 16.72
N SER C 2 -18.26 -7.42 16.06
CA SER C 2 -17.96 -7.52 14.65
C SER C 2 -16.91 -8.57 14.24
N MET C 3 -15.94 -8.83 15.12
CA MET C 3 -14.82 -9.76 14.83
C MET C 3 -14.31 -10.71 15.97
N ASP C 4 -13.45 -11.65 15.58
CA ASP C 4 -12.88 -12.66 16.49
C ASP C 4 -11.50 -12.34 17.10
N LYS C 5 -11.51 -11.79 18.32
CA LYS C 5 -10.29 -11.39 19.03
C LYS C 5 -9.23 -12.47 19.21
N ASN C 6 -9.63 -13.73 19.11
CA ASN C 6 -8.71 -14.85 19.28
C ASN C 6 -7.95 -15.24 18.01
N GLU C 7 -8.68 -15.32 16.89
CA GLU C 7 -8.06 -15.66 15.62
C GLU C 7 -6.97 -14.65 15.33
N LEU C 8 -7.18 -13.42 15.81
CA LEU C 8 -6.21 -12.35 15.60
C LEU C 8 -4.92 -12.67 16.33
N VAL C 9 -5.01 -13.09 17.59
CA VAL C 9 -3.81 -13.44 18.35
C VAL C 9 -3.10 -14.57 17.63
N GLN C 10 -3.87 -15.44 16.98
CA GLN C 10 -3.27 -16.54 16.25
C GLN C 10 -2.58 -16.01 15.00
N LYS C 11 -3.27 -15.16 14.24
CA LYS C 11 -2.68 -14.61 13.02
C LYS C 11 -1.39 -13.91 13.38
N ALA C 12 -1.39 -13.26 14.55
CA ALA C 12 -0.22 -12.53 15.04
C ALA C 12 0.98 -13.44 15.28
N LYS C 13 0.71 -14.68 15.69
CA LYS C 13 1.78 -15.65 15.97
C LYS C 13 2.20 -16.40 14.70
N LEU C 14 1.28 -16.51 13.74
CA LEU C 14 1.56 -17.16 12.47
C LEU C 14 2.36 -16.19 11.61
N ALA C 15 2.19 -14.90 11.90
CA ALA C 15 2.90 -13.85 11.17
C ALA C 15 4.32 -13.78 11.66
N GLU C 16 4.48 -14.00 12.97
CA GLU C 16 5.79 -13.98 13.63
C GLU C 16 6.67 -15.08 13.05
N GLN C 17 6.10 -16.29 12.97
CA GLN C 17 6.81 -17.43 12.43
C GLN C 17 7.27 -17.12 11.01
N ALA C 18 6.38 -16.56 10.19
CA ALA C 18 6.72 -16.22 8.80
C ALA C 18 7.60 -14.98 8.74
N GLU C 19 7.95 -14.46 9.92
CA GLU C 19 8.80 -13.29 10.03
C GLU C 19 8.29 -12.05 9.29
N ARG C 20 6.99 -11.81 9.40
CA ARG C 20 6.34 -10.66 8.78
C ARG C 20 5.77 -9.80 9.93
N TYR C 21 6.63 -9.02 10.57
CA TYR C 21 6.25 -8.22 11.74
C TYR C 21 5.26 -7.11 11.48
N ASP C 22 5.34 -6.51 10.30
CA ASP C 22 4.41 -5.43 9.94
C ASP C 22 3.04 -6.08 10.02
N ASP C 23 2.90 -7.28 9.48
CA ASP C 23 1.63 -8.01 9.54
C ASP C 23 1.35 -8.32 11.00
N MET C 24 2.37 -8.82 11.70
CA MET C 24 2.25 -9.19 13.11
C MET C 24 1.80 -8.04 14.01
N ALA C 25 2.34 -6.85 13.79
CA ALA C 25 1.97 -5.69 14.60
C ALA C 25 0.51 -5.32 14.32
N ALA C 26 0.12 -5.39 13.06
CA ALA C 26 -1.22 -5.05 12.68
C ALA C 26 -2.24 -5.94 13.40
N CYS C 27 -1.97 -7.24 13.45
CA CYS C 27 -2.87 -8.18 14.11
C CYS C 27 -3.00 -7.89 15.59
N MET C 28 -1.91 -7.41 16.20
CA MET C 28 -1.88 -7.11 17.63
C MET C 28 -2.50 -5.74 17.93
N LYS C 29 -2.46 -4.83 16.95
CA LYS C 29 -3.07 -3.53 17.13
C LYS C 29 -4.58 -3.81 17.24
N SER C 30 -5.06 -4.67 16.36
CA SER C 30 -6.48 -5.04 16.35
C SER C 30 -6.91 -5.71 17.64
N VAL C 31 -6.04 -6.54 18.21
CA VAL C 31 -6.33 -7.24 19.45
C VAL C 31 -6.43 -6.28 20.63
N THR C 32 -5.49 -5.34 20.71
CA THR C 32 -5.47 -4.34 21.79
C THR C 32 -6.74 -3.50 21.76
N GLU C 33 -7.17 -3.12 20.55
CA GLU C 33 -8.36 -2.29 20.39
C GLU C 33 -9.65 -3.03 20.72
N GLN C 34 -9.54 -4.31 21.05
CA GLN C 34 -10.73 -5.07 21.42
C GLN C 34 -11.19 -4.67 22.81
N GLY C 35 -10.28 -4.06 23.59
CA GLY C 35 -10.62 -3.60 24.92
C GLY C 35 -10.08 -4.48 26.03
N ALA C 36 -10.22 -5.80 25.88
CA ALA C 36 -9.75 -6.74 26.89
C ALA C 36 -8.31 -6.43 27.28
N GLU C 37 -7.90 -6.88 28.46
CA GLU C 37 -6.54 -6.66 28.92
C GLU C 37 -5.66 -7.72 28.27
N LEU C 38 -4.46 -7.32 27.86
CA LEU C 38 -3.55 -8.24 27.20
C LEU C 38 -2.95 -9.28 28.16
N SER C 39 -3.07 -10.56 27.80
CA SER C 39 -2.50 -11.64 28.62
C SER C 39 -0.98 -11.53 28.45
N ASN C 40 -0.20 -12.22 29.28
CA ASN C 40 1.25 -12.15 29.16
C ASN C 40 1.76 -12.53 27.77
N GLU C 41 1.11 -13.50 27.15
CA GLU C 41 1.52 -13.92 25.81
C GLU C 41 1.22 -12.80 24.80
N GLU C 42 -0.05 -12.39 24.76
CA GLU C 42 -0.51 -11.33 23.86
C GLU C 42 0.30 -10.04 24.08
N ARG C 43 0.66 -9.77 25.32
CA ARG C 43 1.43 -8.57 25.66
C ARG C 43 2.82 -8.61 25.03
N ASN C 44 3.39 -9.80 24.96
CA ASN C 44 4.72 -9.98 24.38
C ASN C 44 4.59 -9.83 22.87
N LEU C 45 3.70 -10.63 22.29
CA LEU C 45 3.46 -10.56 20.85
C LEU C 45 3.37 -9.10 20.40
N LEU C 46 2.71 -8.24 21.19
CA LEU C 46 2.56 -6.83 20.84
C LEU C 46 3.91 -6.14 20.90
N SER C 47 4.53 -6.19 22.08
CA SER C 47 5.85 -5.58 22.32
C SER C 47 6.87 -6.03 21.28
N VAL C 48 6.83 -7.33 20.97
CA VAL C 48 7.72 -7.95 19.98
C VAL C 48 7.46 -7.43 18.58
N ALA C 49 6.22 -7.50 18.14
CA ALA C 49 5.86 -7.06 16.81
C ALA C 49 6.24 -5.59 16.58
N TYR C 50 5.88 -4.72 17.49
CA TYR C 50 6.19 -3.30 17.30
C TYR C 50 7.64 -2.90 17.47
N LYS C 51 8.38 -3.55 18.37
CA LYS C 51 9.78 -3.17 18.52
C LYS C 51 10.56 -3.64 17.30
N ASN C 52 10.07 -4.70 16.68
CA ASN C 52 10.68 -5.26 15.49
C ASN C 52 10.44 -4.33 14.30
N VAL C 53 9.20 -3.82 14.23
CA VAL C 53 8.75 -2.93 13.17
C VAL C 53 9.41 -1.55 13.23
N VAL C 54 9.38 -0.92 14.38
CA VAL C 54 9.98 0.39 14.53
C VAL C 54 11.49 0.20 14.51
N GLY C 55 11.92 -1.00 14.88
CA GLY C 55 13.34 -1.28 14.90
C GLY C 55 13.97 -1.10 13.54
N ALA C 56 13.34 -1.68 12.52
CA ALA C 56 13.83 -1.58 11.15
C ALA C 56 13.98 -0.14 10.70
N ARG C 57 12.99 0.68 11.05
CA ARG C 57 13.01 2.09 10.66
C ARG C 57 14.04 2.93 11.43
N ARG C 58 14.23 2.67 12.71
CA ARG C 58 15.20 3.43 13.47
C ARG C 58 16.58 3.13 12.94
N SER C 59 16.80 1.87 12.63
CA SER C 59 18.07 1.43 12.10
C SER C 59 18.31 2.04 10.73
N SER C 60 17.31 1.95 9.86
CA SER C 60 17.43 2.51 8.52
C SER C 60 17.61 4.03 8.62
N TRP C 61 16.97 4.62 9.62
CA TRP C 61 17.04 6.06 9.82
C TRP C 61 18.47 6.49 10.07
N ARG C 62 19.10 5.88 11.06
CA ARG C 62 20.48 6.22 11.37
C ARG C 62 21.33 6.08 10.12
N VAL C 63 21.29 4.89 9.52
CA VAL C 63 22.08 4.62 8.32
C VAL C 63 22.00 5.73 7.28
N VAL C 64 20.77 6.09 6.90
CA VAL C 64 20.54 7.12 5.90
C VAL C 64 20.84 8.53 6.42
N SER C 65 20.52 8.79 7.68
CA SER C 65 20.75 10.12 8.28
C SER C 65 22.25 10.37 8.38
N SER C 66 23.04 9.29 8.41
CA SER C 66 24.49 9.40 8.50
C SER C 66 25.07 9.80 7.15
N ILE C 67 24.87 8.94 6.16
CA ILE C 67 25.38 9.21 4.81
C ILE C 67 24.84 10.54 4.27
N GLU C 68 23.85 11.09 4.97
CA GLU C 68 23.27 12.37 4.56
C GLU C 68 24.24 13.50 4.85
N GLN C 69 24.77 13.52 6.07
CA GLN C 69 25.72 14.54 6.50
C GLN C 69 27.06 14.39 5.79
N LYS C 70 27.69 13.24 6.01
CA LYS C 70 28.99 12.89 5.47
C LYS C 70 29.09 12.91 3.93
N THR C 71 28.40 13.86 3.29
CA THR C 71 28.38 13.99 1.83
C THR C 71 28.08 15.44 1.42
N GLU C 75 24.88 18.58 -3.49
CA GLU C 75 23.52 18.80 -3.03
C GLU C 75 22.56 17.77 -3.61
N LYS C 76 22.53 17.64 -4.93
CA LYS C 76 21.65 16.67 -5.54
C LYS C 76 21.98 15.29 -4.94
N LYS C 77 23.23 15.11 -4.54
CA LYS C 77 23.70 13.85 -3.96
C LYS C 77 23.27 13.71 -2.50
N GLN C 78 22.97 14.84 -1.87
CA GLN C 78 22.55 14.84 -0.48
C GLN C 78 21.05 14.93 -0.36
N GLN C 79 20.41 15.60 -1.31
CA GLN C 79 18.96 15.71 -1.29
C GLN C 79 18.36 14.34 -1.53
N MET C 80 19.11 13.50 -2.22
CA MET C 80 18.67 12.14 -2.52
C MET C 80 18.53 11.42 -1.18
N ALA C 81 19.56 11.56 -0.35
CA ALA C 81 19.59 10.93 0.97
C ALA C 81 18.71 11.64 1.98
N ARG C 82 18.56 12.97 1.84
CA ARG C 82 17.74 13.75 2.75
C ARG C 82 16.27 13.33 2.68
N GLU C 83 15.72 13.35 1.48
CA GLU C 83 14.33 12.97 1.30
C GLU C 83 14.03 11.53 1.70
N TYR C 84 15.01 10.64 1.56
CA TYR C 84 14.83 9.23 1.93
C TYR C 84 14.76 9.04 3.44
N ARG C 85 15.49 9.87 4.18
CA ARG C 85 15.50 9.80 5.62
C ARG C 85 14.20 10.39 6.18
N GLU C 86 13.53 11.23 5.38
CA GLU C 86 12.28 11.86 5.79
C GLU C 86 11.12 10.92 5.50
N LYS C 87 11.30 10.05 4.51
CA LYS C 87 10.29 9.07 4.13
C LYS C 87 10.24 8.00 5.22
N ILE C 88 11.43 7.60 5.69
CA ILE C 88 11.56 6.59 6.73
C ILE C 88 11.09 7.17 8.06
N GLU C 89 11.52 8.40 8.30
CA GLU C 89 11.18 9.14 9.52
C GLU C 89 9.68 9.15 9.78
N THR C 90 8.92 9.47 8.74
CA THR C 90 7.47 9.53 8.90
C THR C 90 6.92 8.10 9.01
N GLU C 91 7.57 7.16 8.34
CA GLU C 91 7.16 5.76 8.40
C GLU C 91 7.35 5.33 9.87
N LEU C 92 8.42 5.84 10.46
CA LEU C 92 8.80 5.56 11.85
C LEU C 92 7.87 6.28 12.81
N ARG C 93 7.55 7.52 12.45
CA ARG C 93 6.68 8.33 13.28
C ARG C 93 5.27 7.73 13.34
N ASP C 94 4.89 7.04 12.27
CA ASP C 94 3.58 6.39 12.23
C ASP C 94 3.49 5.24 13.22
N ILE C 95 4.51 4.38 13.20
CA ILE C 95 4.57 3.22 14.09
C ILE C 95 4.45 3.69 15.55
N CYS C 96 5.26 4.69 15.91
CA CYS C 96 5.24 5.23 17.27
C CYS C 96 3.88 5.75 17.70
N ASN C 97 3.20 6.47 16.81
CA ASN C 97 1.92 7.01 17.13
C ASN C 97 0.85 5.93 17.30
N ASP C 98 0.97 4.81 16.57
CA ASP C 98 -0.03 3.75 16.75
C ASP C 98 0.18 3.07 18.09
N VAL C 99 1.45 2.80 18.42
CA VAL C 99 1.79 2.15 19.70
C VAL C 99 1.46 3.09 20.86
N LEU C 100 1.92 4.34 20.76
CA LEU C 100 1.67 5.34 21.79
C LEU C 100 0.18 5.54 22.06
N SER C 101 -0.65 5.46 21.02
CA SER C 101 -2.09 5.61 21.15
C SER C 101 -2.65 4.34 21.79
N LEU C 102 -2.18 3.21 21.30
CA LEU C 102 -2.59 1.90 21.79
C LEU C 102 -2.26 1.79 23.28
N LEU C 103 -1.24 2.52 23.70
CA LEU C 103 -0.79 2.50 25.09
C LEU C 103 -1.60 3.40 25.99
N GLU C 104 -1.69 4.67 25.64
CA GLU C 104 -2.43 5.65 26.44
C GLU C 104 -3.94 5.47 26.44
N LYS C 105 -4.48 4.92 25.36
CA LYS C 105 -5.92 4.73 25.24
C LYS C 105 -6.44 3.38 25.68
N PHE C 106 -5.66 2.32 25.48
CA PHE C 106 -6.09 0.98 25.86
C PHE C 106 -5.19 0.30 26.92
N LEU C 107 -3.96 -0.02 26.55
CA LEU C 107 -3.05 -0.71 27.46
C LEU C 107 -2.89 -0.14 28.87
N ILE C 108 -2.24 1.02 28.99
CA ILE C 108 -1.99 1.63 30.29
C ILE C 108 -3.22 1.79 31.20
N PRO C 109 -4.24 2.56 30.76
CA PRO C 109 -5.43 2.75 31.59
C PRO C 109 -6.12 1.46 31.99
N ASN C 110 -5.77 0.38 31.28
CA ASN C 110 -6.38 -0.92 31.51
C ASN C 110 -5.33 -2.00 31.79
N ALA C 111 -4.75 -1.93 32.99
CA ALA C 111 -3.74 -2.89 33.43
C ALA C 111 -3.68 -2.90 34.95
N SER C 112 -4.10 -4.00 35.56
CA SER C 112 -4.11 -4.14 37.02
C SER C 112 -2.68 -4.25 37.58
N GLN C 113 -2.06 -5.38 37.27
CA GLN C 113 -0.69 -5.69 37.71
C GLN C 113 0.25 -4.48 37.64
N ALA C 114 0.79 -4.09 38.78
CA ALA C 114 1.70 -2.95 38.83
C ALA C 114 2.84 -3.14 37.84
N GLU C 115 3.23 -4.39 37.64
CA GLU C 115 4.31 -4.70 36.73
C GLU C 115 3.86 -4.50 35.28
N SER C 116 2.55 -4.39 35.10
CA SER C 116 2.01 -4.15 33.78
C SER C 116 2.02 -2.65 33.62
N LYS C 117 1.58 -1.96 34.69
CA LYS C 117 1.51 -0.50 34.71
C LYS C 117 2.89 0.12 34.53
N VAL C 118 3.92 -0.65 34.84
CA VAL C 118 5.28 -0.15 34.71
C VAL C 118 5.84 -0.68 33.39
N PHE C 119 5.31 -1.81 32.92
CA PHE C 119 5.76 -2.39 31.65
C PHE C 119 5.26 -1.55 30.49
N TYR C 120 3.95 -1.33 30.45
CA TYR C 120 3.35 -0.53 29.39
C TYR C 120 3.88 0.91 29.46
N LEU C 121 4.06 1.39 30.68
CA LEU C 121 4.55 2.76 30.88
C LEU C 121 6.02 2.90 30.46
N LYS C 122 6.76 1.81 30.49
CA LYS C 122 8.16 1.82 30.07
C LYS C 122 8.10 2.01 28.58
N MET C 123 7.24 1.23 27.93
CA MET C 123 7.07 1.32 26.48
C MET C 123 6.73 2.75 26.11
N LYS C 124 5.74 3.32 26.80
CA LYS C 124 5.33 4.68 26.53
C LYS C 124 6.56 5.59 26.57
N GLY C 125 7.40 5.40 27.58
CA GLY C 125 8.59 6.21 27.66
C GLY C 125 9.52 5.89 26.50
N ASP C 126 9.55 4.61 26.12
CA ASP C 126 10.41 4.15 25.02
C ASP C 126 10.04 4.74 23.66
N TYR C 127 8.81 4.48 23.21
CA TYR C 127 8.36 4.96 21.91
C TYR C 127 8.33 6.49 21.77
N TYR C 128 8.10 7.21 22.87
CA TYR C 128 8.09 8.68 22.83
C TYR C 128 9.55 9.11 22.62
N ARG C 129 10.46 8.26 23.09
CA ARG C 129 11.90 8.53 22.97
C ARG C 129 12.39 8.32 21.54
N TYR C 130 11.86 7.30 20.87
CA TYR C 130 12.25 7.03 19.48
C TYR C 130 11.69 8.15 18.59
N LEU C 131 10.56 8.70 19.02
CA LEU C 131 9.87 9.77 18.31
C LEU C 131 10.63 11.06 18.56
N ALA C 132 11.41 11.07 19.64
CA ALA C 132 12.22 12.20 20.03
C ALA C 132 13.56 12.13 19.30
N GLU C 133 14.07 10.93 19.08
CA GLU C 133 15.32 10.75 18.37
C GLU C 133 15.21 11.40 16.98
N VAL C 134 14.28 10.90 16.18
CA VAL C 134 14.06 11.41 14.83
C VAL C 134 13.42 12.78 14.88
N ALA C 135 12.83 13.11 16.03
CA ALA C 135 12.19 14.42 16.21
C ALA C 135 13.17 15.54 15.92
N ALA C 136 12.67 16.58 15.26
CA ALA C 136 13.48 17.74 14.93
C ALA C 136 12.60 18.97 15.15
N GLY C 137 13.23 20.14 15.22
CA GLY C 137 12.47 21.37 15.40
C GLY C 137 12.10 21.71 16.83
N ASP C 138 11.02 22.47 16.95
CA ASP C 138 10.53 22.95 18.24
C ASP C 138 9.75 21.92 19.03
N ASP C 139 8.78 21.29 18.37
CA ASP C 139 7.96 20.28 19.01
C ASP C 139 8.82 19.25 19.73
N LYS C 140 10.12 19.29 19.43
CA LYS C 140 11.11 18.38 20.01
C LYS C 140 11.04 18.34 21.53
N LYS C 141 11.52 19.41 22.15
CA LYS C 141 11.53 19.53 23.61
C LYS C 141 10.24 19.00 24.25
N GLY C 142 9.14 19.06 23.51
CA GLY C 142 7.87 18.59 24.02
C GLY C 142 7.70 17.09 24.06
N ILE C 143 8.24 16.41 23.06
CA ILE C 143 8.16 14.95 23.01
C ILE C 143 9.22 14.37 23.95
N VAL C 144 10.32 15.10 24.13
CA VAL C 144 11.40 14.67 25.01
C VAL C 144 10.89 14.65 26.44
N ASP C 145 9.94 15.53 26.72
CA ASP C 145 9.35 15.64 28.04
C ASP C 145 8.32 14.53 28.30
N GLN C 146 7.51 14.22 27.29
CA GLN C 146 6.51 13.17 27.41
C GLN C 146 7.17 11.86 27.79
N SER C 147 8.41 11.69 27.34
CA SER C 147 9.18 10.49 27.61
C SER C 147 9.66 10.47 29.05
N GLN C 148 10.39 11.52 29.43
CA GLN C 148 10.92 11.65 30.79
C GLN C 148 9.83 11.33 31.79
N GLN C 149 8.69 12.00 31.66
CA GLN C 149 7.58 11.79 32.57
C GLN C 149 7.04 10.36 32.58
N ALA C 150 6.86 9.77 31.39
CA ALA C 150 6.34 8.42 31.28
C ALA C 150 7.31 7.45 31.93
N TYR C 151 8.62 7.67 31.76
CA TYR C 151 9.66 6.84 32.36
C TYR C 151 9.67 7.01 33.90
N GLN C 152 9.63 8.26 34.34
CA GLN C 152 9.64 8.60 35.75
C GLN C 152 8.40 8.01 36.44
N GLU C 153 7.24 8.19 35.82
CA GLU C 153 5.98 7.68 36.36
C GLU C 153 6.07 6.16 36.54
N ALA C 154 6.96 5.53 35.77
CA ALA C 154 7.15 4.09 35.84
C ALA C 154 8.27 3.74 36.83
N PHE C 155 9.36 4.53 36.80
CA PHE C 155 10.47 4.28 37.69
C PHE C 155 9.97 4.31 39.12
N GLU C 156 9.26 5.38 39.46
CA GLU C 156 8.73 5.52 40.81
C GLU C 156 7.78 4.40 41.16
N ILE C 157 7.07 3.84 40.19
CA ILE C 157 6.16 2.73 40.48
C ILE C 157 6.90 1.45 40.78
N SER C 158 8.00 1.21 40.06
CA SER C 158 8.81 0.01 40.26
C SER C 158 9.70 0.24 41.46
N LYS C 159 10.13 1.49 41.63
CA LYS C 159 10.98 1.91 42.75
C LYS C 159 10.16 1.91 44.04
N LYS C 160 9.03 1.20 44.02
CA LYS C 160 8.13 1.08 45.17
C LYS C 160 7.21 -0.12 44.95
N GLU C 161 7.64 -1.07 44.11
CA GLU C 161 6.83 -2.25 43.80
C GLU C 161 7.58 -3.49 43.30
N MET C 162 8.85 -3.33 42.93
CA MET C 162 9.60 -4.47 42.43
C MET C 162 11.03 -4.54 42.95
N GLN C 163 11.46 -5.74 43.31
CA GLN C 163 12.81 -5.93 43.82
C GLN C 163 13.79 -5.47 42.73
N PRO C 164 14.86 -4.75 43.11
CA PRO C 164 15.86 -4.25 42.15
C PRO C 164 16.47 -5.34 41.27
N THR C 165 16.09 -6.60 41.52
CA THR C 165 16.60 -7.72 40.76
C THR C 165 15.63 -8.11 39.64
N HIS C 166 14.39 -7.64 39.76
CA HIS C 166 13.37 -7.93 38.74
C HIS C 166 13.79 -7.33 37.41
N PRO C 167 13.79 -8.15 36.36
CA PRO C 167 14.18 -7.70 35.02
C PRO C 167 13.47 -6.43 34.53
N ILE C 168 12.14 -6.45 34.54
CA ILE C 168 11.37 -5.31 34.07
C ILE C 168 11.87 -4.01 34.70
N ARG C 169 12.07 -3.99 36.00
CA ARG C 169 12.54 -2.77 36.65
C ARG C 169 13.97 -2.44 36.25
N LEU C 170 14.76 -3.48 36.02
CA LEU C 170 16.15 -3.32 35.61
C LEU C 170 16.16 -2.67 34.23
N GLY C 171 15.33 -3.22 33.35
CA GLY C 171 15.22 -2.70 31.99
C GLY C 171 14.74 -1.26 32.02
N LEU C 172 13.79 -0.98 32.90
CA LEU C 172 13.26 0.37 33.03
C LEU C 172 14.39 1.31 33.39
N ALA C 173 15.23 0.89 34.32
CA ALA C 173 16.36 1.68 34.74
C ALA C 173 17.32 1.82 33.56
N LEU C 174 17.52 0.71 32.84
CA LEU C 174 18.41 0.68 31.69
C LEU C 174 18.01 1.67 30.60
N ASN C 175 16.80 1.50 30.09
CA ASN C 175 16.30 2.38 29.05
C ASN C 175 16.23 3.81 29.55
N PHE C 176 15.80 3.97 30.80
CA PHE C 176 15.68 5.31 31.37
C PHE C 176 17.03 6.02 31.35
N SER C 177 18.05 5.35 31.90
CA SER C 177 19.40 5.91 31.94
C SER C 177 19.85 6.34 30.55
N VAL C 178 19.53 5.52 29.56
CA VAL C 178 19.91 5.81 28.17
C VAL C 178 19.17 7.04 27.68
N PHE C 179 17.94 7.24 28.18
CA PHE C 179 17.15 8.39 27.79
C PHE C 179 17.90 9.64 28.19
N TYR C 180 18.38 9.65 29.43
CA TYR C 180 19.10 10.79 29.98
C TYR C 180 20.41 11.07 29.27
N TYR C 181 21.11 10.00 28.90
CA TYR C 181 22.40 10.15 28.23
C TYR C 181 22.28 10.71 26.83
N GLU C 182 21.66 9.91 25.96
CA GLU C 182 21.50 10.29 24.57
C GLU C 182 20.52 11.42 24.27
N ILE C 183 19.28 11.26 24.74
CA ILE C 183 18.22 12.23 24.48
C ILE C 183 18.38 13.56 25.21
N LEU C 184 18.25 13.49 26.54
CA LEU C 184 18.33 14.67 27.43
C LEU C 184 19.77 15.10 27.79
N ASN C 185 20.69 14.97 26.81
CA ASN C 185 22.12 15.30 26.98
C ASN C 185 22.62 15.52 28.40
N SER C 186 22.26 14.62 29.32
CA SER C 186 22.66 14.77 30.70
C SER C 186 23.54 13.62 31.19
N PRO C 187 24.78 13.52 30.63
CA PRO C 187 25.71 12.45 31.03
C PRO C 187 25.88 12.24 32.53
N GLU C 188 25.40 13.21 33.33
CA GLU C 188 25.49 13.13 34.78
C GLU C 188 24.46 12.13 35.28
N LYS C 189 23.21 12.55 35.28
CA LYS C 189 22.11 11.73 35.71
C LYS C 189 22.16 10.35 35.02
N ALA C 190 22.81 10.32 33.86
CA ALA C 190 22.94 9.11 33.04
C ALA C 190 23.38 7.87 33.82
N CYS C 191 24.51 8.00 34.49
CA CYS C 191 25.09 6.90 35.26
C CYS C 191 24.43 6.86 36.63
N SER C 192 23.93 8.00 37.06
CA SER C 192 23.28 8.12 38.36
C SER C 192 22.37 6.93 38.63
N LEU C 193 21.34 6.75 37.81
CA LEU C 193 20.41 5.65 38.02
C LEU C 193 20.97 4.33 37.52
N ALA C 194 21.87 4.40 36.55
CA ALA C 194 22.47 3.20 36.00
C ALA C 194 23.10 2.37 37.10
N LYS C 195 24.04 2.99 37.82
CA LYS C 195 24.73 2.31 38.92
C LYS C 195 23.72 1.92 39.98
N THR C 196 23.04 2.92 40.54
CA THR C 196 22.04 2.72 41.56
C THR C 196 21.19 1.46 41.35
N ALA C 197 20.51 1.37 40.21
CA ALA C 197 19.67 0.20 39.90
C ALA C 197 20.52 -1.05 39.76
N PHE C 198 21.80 -0.88 39.41
CA PHE C 198 22.73 -1.99 39.25
C PHE C 198 23.23 -2.51 40.60
N ASP C 199 23.73 -1.60 41.44
CA ASP C 199 24.24 -1.96 42.77
C ASP C 199 23.10 -2.53 43.59
N GLU C 200 21.93 -1.93 43.47
CA GLU C 200 20.75 -2.39 44.19
C GLU C 200 20.35 -3.77 43.75
N ALA C 201 20.63 -4.08 42.48
CA ALA C 201 20.30 -5.39 41.92
C ALA C 201 21.28 -6.43 42.39
N ILE C 202 22.53 -6.02 42.58
CA ILE C 202 23.59 -6.93 43.04
C ILE C 202 23.32 -7.42 44.46
N ALA C 203 22.81 -6.54 45.31
CA ALA C 203 22.49 -6.87 46.69
C ALA C 203 21.66 -8.16 46.85
N GLU C 204 20.56 -8.28 46.10
CA GLU C 204 19.73 -9.49 46.20
C GLU C 204 20.05 -10.46 45.08
N LEU C 205 21.17 -10.20 44.39
CA LEU C 205 21.61 -11.03 43.27
C LEU C 205 21.59 -12.51 43.66
N ASP C 206 21.91 -12.79 44.93
CA ASP C 206 21.94 -14.17 45.40
C ASP C 206 20.54 -14.76 45.54
N THR C 207 19.52 -13.99 45.12
CA THR C 207 18.12 -14.46 45.16
C THR C 207 17.82 -15.06 43.76
N LEU C 208 17.55 -14.20 42.78
CA LEU C 208 17.26 -14.60 41.38
C LEU C 208 16.85 -16.09 41.22
N GLU C 210 16.28 -19.35 40.47
CA GLU C 210 16.92 -19.63 39.19
C GLU C 210 15.99 -19.44 38.00
N GLU C 211 15.06 -18.49 38.11
CA GLU C 211 14.14 -18.19 37.01
C GLU C 211 14.51 -16.83 36.38
N SER C 212 14.22 -15.74 37.09
CA SER C 212 14.56 -14.38 36.61
C SER C 212 16.05 -14.44 36.22
N TYR C 213 16.81 -15.17 37.04
CA TYR C 213 18.24 -15.38 36.87
C TYR C 213 18.90 -14.79 35.62
N LYS C 214 18.72 -15.45 34.48
CA LYS C 214 19.32 -15.02 33.21
C LYS C 214 19.06 -13.56 32.83
N ASP C 215 17.85 -13.27 32.36
CA ASP C 215 17.45 -11.92 31.95
C ASP C 215 17.90 -10.84 32.93
N SER C 216 17.79 -11.13 34.23
CA SER C 216 18.20 -10.19 35.25
C SER C 216 19.66 -9.81 35.03
N THR C 217 20.51 -10.83 34.95
CA THR C 217 21.94 -10.63 34.73
C THR C 217 22.23 -9.98 33.38
N LEU C 218 21.61 -10.49 32.32
CA LEU C 218 21.79 -9.98 30.97
C LEU C 218 21.67 -8.46 30.95
N ILE C 219 20.59 -7.98 31.55
CA ILE C 219 20.31 -6.55 31.62
C ILE C 219 21.36 -5.80 32.45
N MET C 220 21.58 -6.27 33.68
CA MET C 220 22.57 -5.67 34.59
C MET C 220 23.90 -5.50 33.84
N GLN C 221 24.16 -6.46 32.96
CA GLN C 221 25.38 -6.44 32.15
C GLN C 221 25.26 -5.22 31.27
N LEU C 222 24.16 -5.12 30.54
CA LEU C 222 23.95 -3.97 29.68
C LEU C 222 23.96 -2.71 30.54
N LEU C 223 23.31 -2.78 31.70
CA LEU C 223 23.26 -1.66 32.64
C LEU C 223 24.68 -1.22 32.97
N ARG C 224 25.55 -2.21 33.21
CA ARG C 224 26.93 -1.93 33.53
C ARG C 224 27.72 -1.55 32.28
N ASP C 225 27.52 -2.27 31.18
CA ASP C 225 28.21 -1.96 29.94
C ASP C 225 27.99 -0.50 29.60
N ASN C 226 26.79 -0.01 29.86
CA ASN C 226 26.45 1.39 29.62
C ASN C 226 27.34 2.26 30.50
N LEU C 227 27.29 2.00 31.80
CA LEU C 227 28.08 2.75 32.78
C LEU C 227 29.53 2.86 32.37
N THR C 228 30.09 1.74 31.96
CA THR C 228 31.49 1.67 31.53
C THR C 228 31.76 2.68 30.40
N LEU C 229 31.19 2.40 29.25
CA LEU C 229 31.38 3.26 28.10
C LEU C 229 30.75 4.65 28.21
N TRP C 230 30.14 4.97 29.35
CA TRP C 230 29.55 6.31 29.53
C TRP C 230 30.57 7.23 30.17
N THR C 231 30.97 6.96 31.33
N GLY D 1 13.02 10.67 -21.31
CA GLY D 1 13.82 11.88 -21.00
C GLY D 1 13.11 12.35 -19.79
N SER D 2 12.09 11.57 -19.48
CA SER D 2 11.24 11.82 -18.35
C SER D 2 11.95 11.80 -17.00
N MET D 3 13.10 11.14 -16.90
CA MET D 3 13.80 10.98 -15.61
C MET D 3 15.32 10.66 -15.65
N ASP D 4 15.98 10.71 -14.48
CA ASP D 4 17.42 10.47 -14.30
C ASP D 4 17.88 9.04 -13.95
N LYS D 5 18.24 8.28 -14.98
CA LYS D 5 18.68 6.89 -14.84
C LYS D 5 19.83 6.63 -13.88
N ASN D 6 20.58 7.68 -13.55
CA ASN D 6 21.73 7.55 -12.66
C ASN D 6 21.38 7.70 -11.18
N GLU D 7 20.55 8.70 -10.89
CA GLU D 7 20.12 8.95 -9.53
C GLU D 7 19.42 7.70 -9.02
N LEU D 8 18.78 6.98 -9.93
CA LEU D 8 18.07 5.77 -9.57
C LEU D 8 19.06 4.72 -9.12
N VAL D 9 20.15 4.55 -9.85
CA VAL D 9 21.15 3.55 -9.46
C VAL D 9 21.69 3.92 -8.09
N GLN D 10 21.75 5.23 -7.81
CA GLN D 10 22.23 5.69 -6.52
C GLN D 10 21.21 5.39 -5.43
N LYS D 11 19.95 5.73 -5.69
CA LYS D 11 18.89 5.47 -4.72
C LYS D 11 18.89 3.97 -4.40
N ALA D 12 19.14 3.15 -5.41
CA ALA D 12 19.17 1.70 -5.26
C ALA D 12 20.28 1.22 -4.31
N LYS D 13 21.40 1.94 -4.30
CA LYS D 13 22.51 1.58 -3.45
C LYS D 13 22.38 2.16 -2.05
N LEU D 14 21.63 3.25 -1.96
CA LEU D 14 21.38 3.92 -0.68
C LEU D 14 20.29 3.14 0.04
N ALA D 15 19.47 2.42 -0.73
CA ALA D 15 18.38 1.62 -0.17
C ALA D 15 18.97 0.32 0.37
N GLU D 16 20.01 -0.17 -0.31
CA GLU D 16 20.69 -1.38 0.09
C GLU D 16 21.33 -1.20 1.46
N GLN D 17 22.05 -0.09 1.61
CA GLN D 17 22.69 0.22 2.87
C GLN D 17 21.67 0.28 3.99
N ALA D 18 20.54 0.93 3.73
CA ALA D 18 19.48 1.06 4.72
C ALA D 18 18.69 -0.24 4.82
N GLU D 19 19.15 -1.26 4.10
CA GLU D 19 18.52 -2.58 4.10
C GLU D 19 17.03 -2.59 3.79
N ARG D 20 16.64 -1.80 2.81
CA ARG D 20 15.25 -1.73 2.39
C ARG D 20 15.21 -2.23 0.92
N TYR D 21 15.26 -3.54 0.76
CA TYR D 21 15.29 -4.16 -0.56
C TYR D 21 14.07 -3.96 -1.41
N ASP D 22 12.90 -3.86 -0.80
CA ASP D 22 11.69 -3.66 -1.59
C ASP D 22 11.92 -2.33 -2.29
N ASP D 23 12.46 -1.36 -1.56
CA ASP D 23 12.78 -0.06 -2.13
C ASP D 23 13.87 -0.22 -3.19
N MET D 24 14.91 -0.97 -2.83
CA MET D 24 16.05 -1.23 -3.71
C MET D 24 15.66 -1.88 -5.05
N ALA D 25 14.73 -2.84 -5.01
CA ALA D 25 14.28 -3.53 -6.21
C ALA D 25 13.50 -2.55 -7.10
N ALA D 26 12.66 -1.76 -6.47
CA ALA D 26 11.89 -0.80 -7.21
C ALA D 26 12.81 0.14 -8.02
N CYS D 27 13.85 0.66 -7.37
CA CYS D 27 14.78 1.57 -8.04
C CYS D 27 15.49 0.92 -9.20
N MET D 28 15.73 -0.38 -9.09
CA MET D 28 16.43 -1.13 -10.11
C MET D 28 15.49 -1.55 -11.22
N LYS D 29 14.21 -1.67 -10.91
CA LYS D 29 13.23 -2.03 -11.92
C LYS D 29 13.15 -0.82 -12.85
N SER D 30 13.11 0.37 -12.25
CA SER D 30 13.05 1.61 -13.00
C SER D 30 14.29 1.78 -13.90
N VAL D 31 15.47 1.38 -13.40
CA VAL D 31 16.72 1.49 -14.15
C VAL D 31 16.73 0.57 -15.38
N THR D 32 16.31 -0.68 -15.18
CA THR D 32 16.27 -1.65 -16.27
C THR D 32 15.34 -1.16 -17.36
N GLU D 33 14.20 -0.60 -16.96
CA GLU D 33 13.22 -0.09 -17.92
C GLU D 33 13.67 1.12 -18.69
N GLN D 34 14.87 1.60 -18.39
CA GLN D 34 15.39 2.75 -19.10
C GLN D 34 15.85 2.31 -20.49
N GLY D 35 16.11 1.02 -20.63
CA GLY D 35 16.53 0.47 -21.91
C GLY D 35 18.00 0.11 -22.00
N ALA D 36 18.86 1.01 -21.51
CA ALA D 36 20.30 0.80 -21.53
C ALA D 36 20.65 -0.58 -20.97
N GLU D 37 21.83 -1.08 -21.31
CA GLU D 37 22.27 -2.38 -20.82
C GLU D 37 22.82 -2.20 -19.41
N LEU D 38 22.54 -3.15 -18.54
CA LEU D 38 22.99 -3.06 -17.16
C LEU D 38 24.48 -3.30 -17.00
N SER D 39 25.18 -2.37 -16.36
CA SER D 39 26.62 -2.53 -16.12
C SER D 39 26.75 -3.61 -15.07
N ASN D 40 27.95 -4.12 -14.87
CA ASN D 40 28.14 -5.19 -13.87
C ASN D 40 27.64 -4.78 -12.50
N GLU D 41 27.83 -3.52 -12.12
CA GLU D 41 27.38 -3.06 -10.82
C GLU D 41 25.85 -3.06 -10.78
N GLU D 42 25.25 -2.35 -11.71
CA GLU D 42 23.80 -2.25 -11.79
C GLU D 42 23.17 -3.63 -11.89
N ARG D 43 23.83 -4.54 -12.59
CA ARG D 43 23.32 -5.90 -12.78
C ARG D 43 23.25 -6.66 -11.47
N ASN D 44 24.22 -6.38 -10.60
CA ASN D 44 24.27 -7.05 -9.31
C ASN D 44 23.19 -6.44 -8.45
N LEU D 45 23.22 -5.11 -8.34
CA LEU D 45 22.21 -4.39 -7.56
C LEU D 45 20.81 -4.95 -7.85
N LEU D 46 20.54 -5.27 -9.12
CA LEU D 46 19.23 -5.80 -9.52
C LEU D 46 19.08 -7.21 -8.97
N SER D 47 20.00 -8.10 -9.34
CA SER D 47 19.99 -9.48 -8.90
C SER D 47 19.87 -9.56 -7.37
N VAL D 48 20.62 -8.70 -6.68
CA VAL D 48 20.64 -8.61 -5.21
C VAL D 48 19.32 -8.16 -4.63
N ALA D 49 18.81 -7.03 -5.11
CA ALA D 49 17.55 -6.50 -4.64
C ALA D 49 16.40 -7.48 -4.81
N TYR D 50 16.29 -8.09 -5.99
CA TYR D 50 15.19 -9.02 -6.21
C TYR D 50 15.31 -10.36 -5.52
N LYS D 51 16.51 -10.91 -5.42
CA LYS D 51 16.63 -12.21 -4.75
C LYS D 51 16.40 -12.05 -3.25
N ASN D 52 16.66 -10.85 -2.74
CA ASN D 52 16.45 -10.52 -1.33
C ASN D 52 14.95 -10.34 -1.06
N VAL D 53 14.27 -9.71 -2.01
CA VAL D 53 12.83 -9.46 -1.93
C VAL D 53 11.99 -10.73 -2.10
N VAL D 54 12.27 -11.53 -3.14
CA VAL D 54 11.52 -12.76 -3.35
C VAL D 54 11.97 -13.77 -2.30
N GLY D 55 13.19 -13.57 -1.80
CA GLY D 55 13.72 -14.47 -0.79
C GLY D 55 12.84 -14.48 0.45
N ALA D 56 12.50 -13.31 0.95
CA ALA D 56 11.67 -13.20 2.15
C ALA D 56 10.33 -13.90 1.97
N ARG D 57 9.73 -13.79 0.79
CA ARG D 57 8.44 -14.42 0.52
C ARG D 57 8.50 -15.94 0.35
N ARG D 58 9.53 -16.46 -0.31
CA ARG D 58 9.66 -17.90 -0.47
C ARG D 58 9.87 -18.56 0.90
N SER D 59 10.65 -17.89 1.74
CA SER D 59 10.93 -18.38 3.08
C SER D 59 9.67 -18.33 3.95
N SER D 60 8.97 -17.21 3.90
CA SER D 60 7.73 -17.07 4.65
C SER D 60 6.72 -18.07 4.11
N TRP D 61 6.77 -18.31 2.79
CA TRP D 61 5.84 -19.23 2.18
C TRP D 61 5.99 -20.61 2.77
N ARG D 62 7.22 -21.14 2.75
CA ARG D 62 7.47 -22.47 3.28
C ARG D 62 6.98 -22.53 4.73
N VAL D 63 7.47 -21.63 5.55
CA VAL D 63 7.08 -21.58 6.96
C VAL D 63 5.58 -21.71 7.18
N VAL D 64 4.80 -20.87 6.51
CA VAL D 64 3.35 -20.88 6.63
C VAL D 64 2.68 -22.07 5.94
N SER D 65 3.24 -22.49 4.80
CA SER D 65 2.69 -23.63 4.04
C SER D 65 2.87 -24.93 4.82
N SER D 66 3.86 -24.93 5.72
CA SER D 66 4.16 -26.09 6.54
C SER D 66 3.15 -26.19 7.67
N ILE D 67 3.10 -25.18 8.52
CA ILE D 67 2.16 -25.17 9.65
C ILE D 67 0.71 -25.29 9.17
N GLU D 68 0.52 -25.15 7.85
CA GLU D 68 -0.81 -25.25 7.26
C GLU D 68 -1.26 -26.71 7.28
N GLN D 69 -0.38 -27.59 6.79
CA GLN D 69 -0.64 -29.02 6.73
C GLN D 69 -0.73 -29.61 8.14
N LYS D 70 0.30 -29.32 8.93
CA LYS D 70 0.44 -29.82 10.30
C LYS D 70 -0.64 -29.56 11.37
N THR D 71 -1.70 -28.79 11.10
CA THR D 71 -2.74 -28.56 12.15
C THR D 71 -4.14 -29.17 11.86
N ALA D 74 -8.83 -29.29 12.22
CA ALA D 74 -8.96 -27.88 12.59
C ALA D 74 -9.20 -27.01 11.36
N GLU D 75 -10.46 -26.79 10.99
CA GLU D 75 -10.73 -26.00 9.79
C GLU D 75 -10.53 -24.52 10.00
N LYS D 76 -11.30 -23.92 10.90
CA LYS D 76 -11.14 -22.50 11.13
C LYS D 76 -9.67 -22.22 11.46
N LYS D 77 -9.02 -23.21 12.08
CA LYS D 77 -7.62 -23.08 12.46
C LYS D 77 -6.70 -23.30 11.27
N GLN D 78 -7.22 -23.92 10.21
CA GLN D 78 -6.42 -24.17 9.04
C GLN D 78 -6.70 -23.12 7.98
N GLN D 79 -7.94 -22.67 7.93
CA GLN D 79 -8.30 -21.67 6.94
C GLN D 79 -7.53 -20.39 7.25
N MET D 80 -7.20 -20.20 8.52
CA MET D 80 -6.46 -19.03 8.95
C MET D 80 -5.10 -19.07 8.25
N ALA D 81 -4.48 -20.24 8.29
CA ALA D 81 -3.19 -20.45 7.68
C ALA D 81 -3.27 -20.59 6.16
N ARG D 82 -4.35 -21.16 5.66
CA ARG D 82 -4.51 -21.33 4.21
C ARG D 82 -4.52 -19.99 3.48
N GLU D 83 -5.41 -19.09 3.90
CA GLU D 83 -5.53 -17.79 3.27
C GLU D 83 -4.27 -16.94 3.39
N TYR D 84 -3.48 -17.14 4.45
CA TYR D 84 -2.25 -16.37 4.65
C TYR D 84 -1.14 -16.80 3.70
N ARG D 85 -1.16 -18.09 3.35
CA ARG D 85 -0.18 -18.64 2.42
C ARG D 85 -0.55 -18.24 0.99
N GLU D 86 -1.82 -17.88 0.77
CA GLU D 86 -2.27 -17.46 -0.55
C GLU D 86 -1.99 -15.98 -0.74
N LYS D 87 -1.95 -15.23 0.37
CA LYS D 87 -1.65 -13.80 0.36
C LYS D 87 -0.16 -13.61 0.04
N ILE D 88 0.68 -14.44 0.64
CA ILE D 88 2.12 -14.41 0.42
C ILE D 88 2.40 -14.93 -0.98
N GLU D 89 1.76 -16.03 -1.32
CA GLU D 89 1.90 -16.66 -2.63
C GLU D 89 1.71 -15.66 -3.77
N THR D 90 0.66 -14.86 -3.70
CA THR D 90 0.43 -13.88 -4.77
C THR D 90 1.45 -12.76 -4.66
N GLU D 91 1.85 -12.44 -3.44
CA GLU D 91 2.86 -11.41 -3.18
C GLU D 91 4.14 -11.88 -3.90
N LEU D 92 4.40 -13.18 -3.77
CA LEU D 92 5.57 -13.83 -4.34
C LEU D 92 5.44 -13.93 -5.85
N ARG D 93 4.24 -14.23 -6.31
CA ARG D 93 3.98 -14.38 -7.74
C ARG D 93 4.17 -13.04 -8.44
N ASP D 94 3.93 -11.97 -7.71
CA ASP D 94 4.09 -10.64 -8.29
C ASP D 94 5.56 -10.36 -8.55
N ILE D 95 6.39 -10.61 -7.54
CA ILE D 95 7.82 -10.37 -7.66
C ILE D 95 8.37 -11.10 -8.89
N CYS D 96 8.04 -12.38 -8.99
CA CYS D 96 8.50 -13.22 -10.09
C CYS D 96 8.11 -12.69 -11.46
N ASN D 97 6.87 -12.20 -11.56
CA ASN D 97 6.40 -11.67 -12.81
C ASN D 97 7.09 -10.35 -13.19
N ASP D 98 7.48 -9.55 -12.21
CA ASP D 98 8.19 -8.32 -12.55
C ASP D 98 9.58 -8.68 -13.06
N VAL D 99 10.28 -9.53 -12.31
CA VAL D 99 11.61 -9.96 -12.71
C VAL D 99 11.56 -10.67 -14.04
N LEU D 100 10.67 -11.65 -14.16
CA LEU D 100 10.53 -12.42 -15.40
C LEU D 100 10.26 -11.53 -16.62
N SER D 101 9.48 -10.46 -16.42
CA SER D 101 9.17 -9.54 -17.51
C SER D 101 10.41 -8.72 -17.80
N LEU D 102 11.05 -8.26 -16.74
CA LEU D 102 12.26 -7.44 -16.82
C LEU D 102 13.36 -8.21 -17.54
N LEU D 103 13.27 -9.53 -17.45
CA LEU D 103 14.25 -10.39 -18.07
C LEU D 103 13.99 -10.62 -19.55
N GLU D 104 12.80 -11.12 -19.86
CA GLU D 104 12.45 -11.43 -21.23
C GLU D 104 12.26 -10.21 -22.14
N LYS D 105 11.87 -9.10 -21.55
CA LYS D 105 11.64 -7.88 -22.33
C LYS D 105 12.83 -6.94 -22.44
N PHE D 106 13.65 -6.88 -21.39
CA PHE D 106 14.81 -5.97 -21.40
C PHE D 106 16.17 -6.69 -21.26
N LEU D 107 16.42 -7.27 -20.10
CA LEU D 107 17.69 -7.95 -19.85
C LEU D 107 18.19 -8.95 -20.90
N ILE D 108 17.53 -10.10 -21.01
CA ILE D 108 17.97 -11.13 -21.96
C ILE D 108 18.17 -10.68 -23.41
N PRO D 109 17.13 -10.12 -24.06
CA PRO D 109 17.26 -9.68 -25.45
C PRO D 109 18.34 -8.61 -25.65
N ASN D 110 18.78 -8.03 -24.55
CA ASN D 110 19.76 -6.97 -24.61
C ASN D 110 20.97 -7.26 -23.70
N ALA D 111 21.80 -8.19 -24.14
CA ALA D 111 22.99 -8.59 -23.40
C ALA D 111 23.96 -9.26 -24.37
N SER D 112 25.08 -8.60 -24.61
CA SER D 112 26.10 -9.11 -25.53
C SER D 112 26.83 -10.29 -24.94
N GLN D 113 27.58 -10.04 -23.87
CA GLN D 113 28.37 -11.06 -23.18
C GLN D 113 27.62 -12.38 -23.01
N ALA D 114 28.17 -13.45 -23.57
CA ALA D 114 27.55 -14.76 -23.47
C ALA D 114 27.31 -15.13 -22.01
N GLU D 115 28.21 -14.65 -21.13
CA GLU D 115 28.10 -14.93 -19.70
C GLU D 115 26.94 -14.13 -19.11
N SER D 116 26.46 -13.15 -19.88
CA SER D 116 25.32 -12.34 -19.45
C SER D 116 24.08 -13.09 -19.94
N LYS D 117 24.16 -13.58 -21.17
CA LYS D 117 23.07 -14.34 -21.79
C LYS D 117 22.77 -15.62 -21.02
N VAL D 118 23.76 -16.09 -20.27
CA VAL D 118 23.58 -17.30 -19.49
C VAL D 118 23.24 -16.92 -18.05
N PHE D 119 23.69 -15.74 -17.64
CA PHE D 119 23.42 -15.24 -16.30
C PHE D 119 21.95 -14.87 -16.19
N TYR D 120 21.51 -13.98 -17.06
CA TYR D 120 20.13 -13.55 -17.07
C TYR D 120 19.23 -14.75 -17.33
N LEU D 121 19.67 -15.62 -18.23
CA LEU D 121 18.90 -16.80 -18.59
C LEU D 121 18.81 -17.78 -17.42
N LYS D 122 19.83 -17.77 -16.55
CA LYS D 122 19.81 -18.63 -15.39
C LYS D 122 18.69 -18.09 -14.51
N MET D 123 18.67 -16.77 -14.32
CA MET D 123 17.65 -16.11 -13.51
C MET D 123 16.28 -16.47 -14.04
N LYS D 124 16.09 -16.35 -15.34
CA LYS D 124 14.81 -16.68 -15.95
C LYS D 124 14.41 -18.09 -15.55
N GLY D 125 15.36 -19.01 -15.57
CA GLY D 125 15.05 -20.36 -15.18
C GLY D 125 14.73 -20.42 -13.69
N ASP D 126 15.45 -19.62 -12.91
CA ASP D 126 15.27 -19.56 -11.46
C ASP D 126 13.90 -19.06 -11.05
N TYR D 127 13.57 -17.82 -11.42
CA TYR D 127 12.27 -17.24 -11.05
C TYR D 127 11.05 -17.99 -11.58
N TYR D 128 11.15 -18.63 -12.74
CA TYR D 128 10.03 -19.41 -13.27
C TYR D 128 9.88 -20.65 -12.37
N ARG D 129 10.99 -21.06 -11.77
CA ARG D 129 11.01 -22.20 -10.87
C ARG D 129 10.36 -21.86 -9.53
N TYR D 130 10.59 -20.65 -9.04
CA TYR D 130 10.00 -20.23 -7.78
C TYR D 130 8.51 -20.12 -7.98
N LEU D 131 8.16 -19.72 -9.20
CA LEU D 131 6.77 -19.54 -9.62
C LEU D 131 6.14 -20.91 -9.80
N ALA D 132 6.98 -21.92 -9.95
CA ALA D 132 6.52 -23.29 -10.13
C ALA D 132 6.38 -23.95 -8.78
N GLU D 133 7.22 -23.53 -7.82
CA GLU D 133 7.16 -24.09 -6.47
C GLU D 133 5.79 -23.82 -5.85
N VAL D 134 5.43 -22.54 -5.77
CA VAL D 134 4.15 -22.12 -5.21
C VAL D 134 3.02 -22.40 -6.18
N ALA D 135 3.37 -22.64 -7.43
CA ALA D 135 2.39 -22.94 -8.48
C ALA D 135 1.57 -24.16 -8.09
N ALA D 136 0.28 -24.09 -8.38
CA ALA D 136 -0.63 -25.19 -8.09
C ALA D 136 -1.58 -25.28 -9.27
N GLY D 137 -2.27 -26.40 -9.40
CA GLY D 137 -3.21 -26.57 -10.48
C GLY D 137 -2.65 -27.08 -11.80
N ASP D 138 -3.37 -26.72 -12.87
CA ASP D 138 -3.01 -27.15 -14.21
C ASP D 138 -1.91 -26.33 -14.83
N ASP D 139 -2.06 -25.00 -14.77
CA ASP D 139 -1.06 -24.10 -15.32
C ASP D 139 0.35 -24.46 -14.83
N LYS D 140 0.39 -25.35 -13.83
CA LYS D 140 1.63 -25.81 -13.22
C LYS D 140 2.60 -26.33 -14.27
N LYS D 141 2.29 -27.51 -14.80
CA LYS D 141 3.12 -28.15 -15.81
C LYS D 141 3.69 -27.16 -16.83
N GLY D 142 2.94 -26.10 -17.10
CA GLY D 142 3.37 -25.12 -18.07
C GLY D 142 4.49 -24.21 -17.62
N ILE D 143 4.48 -23.86 -16.34
CA ILE D 143 5.51 -22.98 -15.79
C ILE D 143 6.76 -23.81 -15.50
N VAL D 144 6.54 -25.09 -15.22
CA VAL D 144 7.65 -26.01 -14.94
C VAL D 144 8.46 -26.19 -16.20
N ASP D 145 7.79 -26.06 -17.33
CA ASP D 145 8.42 -26.20 -18.64
C ASP D 145 9.23 -24.95 -19.04
N GLN D 146 8.65 -23.78 -18.78
CA GLN D 146 9.32 -22.52 -19.09
C GLN D 146 10.67 -22.44 -18.39
N SER D 147 10.76 -23.09 -17.24
CA SER D 147 11.98 -23.09 -16.46
C SER D 147 13.00 -24.02 -17.09
N GLN D 148 12.60 -25.27 -17.26
CA GLN D 148 13.48 -26.28 -17.85
C GLN D 148 14.13 -25.71 -19.10
N GLN D 149 13.31 -25.18 -19.99
CA GLN D 149 13.80 -24.60 -21.24
C GLN D 149 14.78 -23.46 -21.04
N ALA D 150 14.42 -22.52 -20.16
CA ALA D 150 15.25 -21.37 -19.88
C ALA D 150 16.59 -21.82 -19.32
N TYR D 151 16.57 -22.83 -18.47
CA TYR D 151 17.78 -23.38 -17.87
C TYR D 151 18.62 -24.07 -18.94
N GLN D 152 17.96 -24.91 -19.75
CA GLN D 152 18.61 -25.66 -20.82
C GLN D 152 19.24 -24.72 -21.83
N GLU D 153 18.46 -23.72 -22.25
CA GLU D 153 18.94 -22.73 -23.21
C GLU D 153 20.21 -22.05 -22.67
N ALA D 154 20.36 -22.04 -21.34
CA ALA D 154 21.51 -21.43 -20.69
C ALA D 154 22.62 -22.45 -20.47
N PHE D 155 22.24 -23.67 -20.10
CA PHE D 155 23.21 -24.72 -19.88
C PHE D 155 23.99 -24.94 -21.15
N GLU D 156 23.29 -25.14 -22.26
CA GLU D 156 23.95 -25.35 -23.53
C GLU D 156 24.83 -24.18 -23.95
N ILE D 157 24.47 -22.96 -23.56
CA ILE D 157 25.29 -21.80 -23.91
C ILE D 157 26.60 -21.79 -23.14
N SER D 158 26.53 -22.14 -21.85
CA SER D 158 27.71 -22.18 -21.00
C SER D 158 28.51 -23.44 -21.32
N LYS D 159 27.78 -24.52 -21.62
CA LYS D 159 28.35 -25.82 -21.98
C LYS D 159 28.99 -25.71 -23.36
N LYS D 160 29.25 -24.49 -23.80
CA LYS D 160 29.88 -24.22 -25.09
C LYS D 160 30.46 -22.81 -25.06
N GLU D 161 30.71 -22.29 -23.86
CA GLU D 161 31.24 -20.93 -23.74
C GLU D 161 32.00 -20.62 -22.46
N MET D 162 31.91 -21.49 -21.46
CA MET D 162 32.60 -21.22 -20.19
C MET D 162 33.26 -22.46 -19.58
N GLN D 163 34.48 -22.28 -19.08
CA GLN D 163 35.22 -23.38 -18.45
C GLN D 163 34.39 -23.89 -17.29
N PRO D 164 34.30 -25.24 -17.13
CA PRO D 164 33.53 -25.87 -16.05
C PRO D 164 33.92 -25.40 -14.65
N THR D 165 34.91 -24.52 -14.58
CA THR D 165 35.38 -23.99 -13.31
C THR D 165 34.77 -22.61 -13.06
N HIS D 166 34.22 -22.01 -14.12
CA HIS D 166 33.59 -20.69 -13.99
C HIS D 166 32.40 -20.78 -13.08
N PRO D 167 32.35 -19.92 -12.05
CA PRO D 167 31.24 -19.91 -11.10
C PRO D 167 29.85 -19.87 -11.73
N ILE D 168 29.59 -18.87 -12.56
CA ILE D 168 28.28 -18.74 -13.19
C ILE D 168 27.80 -20.06 -13.79
N ARG D 169 28.66 -20.75 -14.54
CA ARG D 169 28.26 -22.02 -15.12
C ARG D 169 28.07 -23.10 -14.07
N LEU D 170 28.86 -23.02 -13.01
CA LEU D 170 28.76 -23.98 -11.91
C LEU D 170 27.41 -23.80 -11.24
N GLY D 171 27.06 -22.53 -11.01
CA GLY D 171 25.80 -22.19 -10.38
C GLY D 171 24.64 -22.60 -11.25
N LEU D 172 24.79 -22.39 -12.56
CA LEU D 172 23.75 -22.79 -13.49
C LEU D 172 23.51 -24.29 -13.37
N ALA D 173 24.58 -25.05 -13.27
CA ALA D 173 24.48 -26.49 -13.14
C ALA D 173 23.82 -26.83 -11.80
N LEU D 174 24.24 -26.10 -10.77
CA LEU D 174 23.72 -26.28 -9.43
C LEU D 174 22.21 -26.08 -9.37
N ASN D 175 21.76 -24.89 -9.73
CA ASN D 175 20.35 -24.55 -9.71
C ASN D 175 19.56 -25.46 -10.64
N PHE D 176 20.16 -25.76 -11.79
CA PHE D 176 19.51 -26.61 -12.76
C PHE D 176 19.25 -27.99 -12.14
N SER D 177 20.31 -28.60 -11.62
CA SER D 177 20.18 -29.93 -11.01
C SER D 177 19.08 -29.94 -9.96
N VAL D 178 19.01 -28.87 -9.17
CA VAL D 178 18.00 -28.76 -8.12
C VAL D 178 16.61 -28.67 -8.76
N PHE D 179 16.54 -28.08 -9.95
CA PHE D 179 15.27 -27.94 -10.65
C PHE D 179 14.74 -29.34 -10.95
N TYR D 180 15.63 -30.19 -11.43
CA TYR D 180 15.28 -31.57 -11.77
C TYR D 180 14.89 -32.39 -10.56
N TYR D 181 15.61 -32.22 -9.46
CA TYR D 181 15.32 -32.97 -8.25
C TYR D 181 13.98 -32.58 -7.63
N GLU D 182 13.90 -31.36 -7.11
CA GLU D 182 12.69 -30.88 -6.46
C GLU D 182 11.47 -30.65 -7.36
N ILE D 183 11.63 -29.80 -8.37
CA ILE D 183 10.54 -29.46 -9.27
C ILE D 183 10.05 -30.60 -10.16
N LEU D 184 10.93 -31.01 -11.07
CA LEU D 184 10.62 -32.06 -12.06
C LEU D 184 10.78 -33.49 -11.50
N ASN D 185 10.47 -33.70 -10.22
CA ASN D 185 10.61 -35.01 -9.55
C ASN D 185 11.45 -36.07 -10.25
N SER D 186 12.59 -35.67 -10.80
CA SER D 186 13.46 -36.61 -11.52
C SER D 186 14.81 -36.82 -10.82
N PRO D 187 14.83 -37.51 -9.66
CA PRO D 187 16.06 -37.77 -8.90
C PRO D 187 17.19 -38.40 -9.70
N GLU D 188 16.86 -38.88 -10.90
CA GLU D 188 17.86 -39.49 -11.78
C GLU D 188 18.72 -38.38 -12.36
N LYS D 189 18.15 -37.67 -13.34
CA LYS D 189 18.82 -36.58 -14.01
C LYS D 189 19.40 -35.58 -12.99
N ALA D 190 18.82 -35.58 -11.79
CA ALA D 190 19.24 -34.69 -10.70
C ALA D 190 20.74 -34.67 -10.45
N CYS D 191 21.31 -35.85 -10.20
CA CYS D 191 22.74 -35.98 -9.92
C CYS D 191 23.52 -36.03 -11.22
N SER D 192 22.82 -36.43 -12.28
CA SER D 192 23.42 -36.54 -13.60
C SER D 192 24.30 -35.34 -13.91
N LEU D 193 23.70 -34.15 -13.96
CA LEU D 193 24.46 -32.94 -14.25
C LEU D 193 25.26 -32.44 -13.04
N ALA D 194 24.78 -32.79 -11.84
CA ALA D 194 25.46 -32.37 -10.63
C ALA D 194 26.90 -32.85 -10.65
N LYS D 195 27.10 -34.16 -10.73
CA LYS D 195 28.45 -34.73 -10.77
C LYS D 195 29.19 -34.19 -11.97
N THR D 196 28.65 -34.43 -13.16
CA THR D 196 29.23 -33.97 -14.42
C THR D 196 29.87 -32.58 -14.32
N ALA D 197 29.07 -31.58 -13.98
CA ALA D 197 29.55 -30.22 -13.84
C ALA D 197 30.58 -30.11 -12.73
N PHE D 198 30.49 -31.00 -11.75
CA PHE D 198 31.40 -31.03 -10.61
C PHE D 198 32.75 -31.65 -11.00
N ASP D 199 32.70 -32.86 -11.57
CA ASP D 199 33.92 -33.55 -11.98
C ASP D 199 34.65 -32.73 -13.03
N GLU D 200 33.89 -32.13 -13.94
CA GLU D 200 34.44 -31.32 -15.00
C GLU D 200 35.09 -30.07 -14.42
N ALA D 201 34.57 -29.61 -13.30
CA ALA D 201 35.09 -28.44 -12.62
C ALA D 201 36.38 -28.78 -11.90
N ILE D 202 36.46 -30.02 -11.39
CA ILE D 202 37.65 -30.48 -10.67
C ILE D 202 38.87 -30.57 -11.60
N ALA D 203 38.65 -31.03 -12.83
CA ALA D 203 39.71 -31.16 -13.81
C ALA D 203 40.61 -29.91 -13.94
N GLU D 204 40.00 -28.73 -14.10
CA GLU D 204 40.79 -27.49 -14.22
C GLU D 204 40.85 -26.76 -12.89
N LEU D 205 40.48 -27.46 -11.83
CA LEU D 205 40.47 -26.87 -10.50
C LEU D 205 41.81 -26.21 -10.21
N ASP D 206 42.89 -26.81 -10.71
CA ASP D 206 44.23 -26.26 -10.47
C ASP D 206 44.47 -24.97 -11.25
N THR D 207 43.44 -24.45 -11.90
CA THR D 207 43.53 -23.20 -12.66
C THR D 207 43.07 -22.03 -11.74
N LEU D 208 41.82 -21.57 -11.90
CA LEU D 208 41.28 -20.50 -11.06
C LEU D 208 42.35 -19.46 -10.60
N GLU D 211 41.86 -16.77 -8.86
CA GLU D 211 40.81 -15.77 -8.90
C GLU D 211 39.47 -16.46 -8.75
N SER D 212 39.06 -17.19 -9.77
CA SER D 212 37.78 -17.93 -9.72
C SER D 212 37.83 -18.75 -8.41
N TYR D 213 39.02 -19.26 -8.10
CA TYR D 213 39.30 -20.05 -6.89
C TYR D 213 38.17 -20.26 -5.87
N LYS D 214 37.91 -19.22 -5.07
CA LYS D 214 36.87 -19.28 -4.03
C LYS D 214 35.50 -19.73 -4.52
N ASP D 215 34.78 -18.83 -5.18
CA ASP D 215 33.43 -19.11 -5.70
C ASP D 215 33.31 -20.48 -6.37
N SER D 216 34.36 -20.86 -7.10
CA SER D 216 34.37 -22.15 -7.78
C SER D 216 34.19 -23.25 -6.73
N THR D 217 35.05 -23.24 -5.72
CA THR D 217 35.00 -24.23 -4.65
C THR D 217 33.69 -24.14 -3.84
N LEU D 218 33.31 -22.92 -3.46
CA LEU D 218 32.09 -22.71 -2.70
C LEU D 218 30.92 -23.45 -3.31
N ILE D 219 30.74 -23.27 -4.62
CA ILE D 219 29.65 -23.91 -5.35
C ILE D 219 29.79 -25.42 -5.39
N MET D 220 30.96 -25.90 -5.81
CA MET D 220 31.24 -27.33 -5.89
C MET D 220 30.89 -27.98 -4.55
N GLN D 221 31.08 -27.21 -3.48
CA GLN D 221 30.77 -27.68 -2.14
C GLN D 221 29.28 -27.87 -2.10
N LEU D 222 28.53 -26.83 -2.48
CA LEU D 222 27.09 -26.92 -2.51
C LEU D 222 26.70 -28.02 -3.47
N LEU D 223 27.37 -28.07 -4.61
CA LEU D 223 27.11 -29.11 -5.62
C LEU D 223 27.23 -30.48 -4.94
N ARG D 224 28.26 -30.64 -4.13
CA ARG D 224 28.50 -31.89 -3.43
C ARG D 224 27.55 -32.05 -2.24
N ASP D 225 27.37 -30.99 -1.47
CA ASP D 225 26.47 -31.06 -0.31
C ASP D 225 25.14 -31.57 -0.80
N ASN D 226 24.73 -31.13 -1.98
CA ASN D 226 23.47 -31.56 -2.59
C ASN D 226 23.51 -33.07 -2.82
N LEU D 227 24.52 -33.52 -3.58
CA LEU D 227 24.70 -34.94 -3.89
C LEU D 227 24.60 -35.80 -2.63
N THR D 228 25.29 -35.36 -1.59
CA THR D 228 25.31 -36.06 -0.30
C THR D 228 23.90 -36.27 0.24
N LEU D 229 23.28 -35.19 0.67
CA LEU D 229 21.94 -35.25 1.23
C LEU D 229 20.91 -35.67 0.18
N TRP D 230 21.41 -36.13 -0.97
CA TRP D 230 20.58 -36.60 -2.07
C TRP D 230 20.58 -38.12 -2.19
N THR D 231 20.74 -38.81 -1.05
CA THR D 231 20.75 -40.29 -1.05
C THR D 231 20.36 -40.95 0.31
N SER D 232 19.14 -41.23 0.50
N LYS E 1 -9.87 25.67 -16.95
CA LYS E 1 -8.74 25.63 -17.94
C LYS E 1 -9.26 25.22 -19.34
N SER E 2 -8.35 25.06 -20.29
CA SER E 2 -8.71 24.66 -21.65
C SER E 2 -9.22 23.22 -21.68
N ALA E 3 -9.98 22.86 -22.72
CA ALA E 3 -10.52 21.51 -22.80
C ALA E 3 -9.57 20.56 -23.50
N TPO E 4 -9.79 19.26 -23.30
CA TPO E 4 -8.96 18.22 -23.92
CB TPO E 4 -7.64 18.00 -23.13
CG2 TPO E 4 -6.69 19.18 -23.30
OG1 TPO E 4 -7.96 17.80 -21.75
P TPO E 4 -6.81 17.38 -20.70
O1P TPO E 4 -6.24 18.52 -19.96
O2P TPO E 4 -7.49 16.28 -19.75
O3P TPO E 4 -5.70 16.59 -21.56
C TPO E 4 -9.72 16.89 -24.05
O TPO E 4 -10.81 16.73 -23.49
N THR E 5 -9.16 15.92 -24.78
CA THR E 5 -9.80 14.61 -24.97
C THR E 5 -10.35 14.07 -23.66
N THR E 6 -11.28 13.12 -23.75
CA THR E 6 -11.88 12.55 -22.55
C THR E 6 -12.15 11.04 -22.57
N VAL E 7 -13.20 10.65 -23.29
CA VAL E 7 -13.58 9.24 -23.37
C VAL E 7 -13.40 8.76 -24.81
N MET E 8 -13.72 7.58 -25.08
N LYS F 1 -31.34 -0.87 -4.63
CA LYS F 1 -31.68 -1.28 -3.24
C LYS F 1 -32.50 -0.18 -2.56
N SER F 2 -32.72 -0.32 -1.26
CA SER F 2 -33.48 0.68 -0.50
C SER F 2 -32.62 1.92 -0.25
N ALA F 3 -33.26 3.07 0.00
CA ALA F 3 -32.53 4.32 0.24
C ALA F 3 -32.09 4.48 1.69
N TPO F 4 -31.15 5.37 1.92
CA TPO F 4 -30.63 5.62 3.27
CB TPO F 4 -29.65 4.53 3.68
CG2 TPO F 4 -30.36 3.21 3.96
OG1 TPO F 4 -28.69 4.37 2.64
P TPO F 4 -27.36 3.50 2.91
O1P TPO F 4 -27.45 2.14 2.33
O2P TPO F 4 -26.14 4.35 2.32
O3P TPO F 4 -27.15 3.48 4.50
C TPO F 4 -29.95 7.00 3.35
O TPO F 4 -29.69 7.61 2.31
N THR F 5 -29.68 7.46 4.57
CA THR F 5 -29.04 8.77 4.79
C THR F 5 -27.92 9.02 3.79
N THR F 6 -27.55 10.29 3.60
CA THR F 6 -26.49 10.64 2.63
C THR F 6 -25.54 11.76 3.04
N VAL F 7 -26.02 12.99 2.97
CA VAL F 7 -25.22 14.15 3.32
C VAL F 7 -25.81 14.87 4.54
N MET F 8 -25.24 15.92 4.96
N LYS G 1 25.34 3.25 19.54
CA LYS G 1 24.66 4.07 20.60
C LYS G 1 24.56 3.25 21.88
N SER G 2 23.87 3.78 22.89
CA SER G 2 23.70 3.09 24.17
C SER G 2 22.73 1.89 24.01
N ALA G 3 22.84 0.91 24.90
CA ALA G 3 21.97 -0.26 24.82
C ALA G 3 20.62 -0.03 25.48
N TPO G 4 19.65 -0.90 25.18
CA TPO G 4 18.31 -0.81 25.76
CB TPO G 4 17.49 0.26 25.04
CG2 TPO G 4 17.98 1.66 25.41
OG1 TPO G 4 17.56 0.04 23.63
P TPO G 4 16.62 0.90 22.64
O1P TPO G 4 17.31 2.06 22.04
O2P TPO G 4 16.05 -0.12 21.54
O3P TPO G 4 15.34 1.34 23.53
C TPO G 4 17.59 -2.16 25.68
O TPO G 4 18.08 -3.06 25.01
N THR G 5 16.45 -2.30 26.35
CA THR G 5 15.69 -3.56 26.35
C THR G 5 15.58 -4.16 24.94
N THR G 6 15.26 -5.46 24.86
CA THR G 6 15.16 -6.11 23.56
C THR G 6 14.03 -7.13 23.40
N VAL G 7 14.23 -8.32 23.96
CA VAL G 7 13.25 -9.39 23.87
C VAL G 7 12.68 -9.72 25.25
N MET G 8 11.85 -10.65 25.34
N LYS H 1 15.82 -27.78 2.38
CA LYS H 1 15.68 -28.13 0.93
C LYS H 1 17.07 -28.10 0.29
N SER H 2 17.13 -28.28 -1.04
CA SER H 2 18.40 -28.27 -1.77
C SER H 2 19.00 -26.85 -1.82
N ALA H 3 20.29 -26.74 -2.07
CA ALA H 3 20.95 -25.43 -2.13
C ALA H 3 20.89 -24.81 -3.51
N TPO H 4 21.13 -23.50 -3.57
CA TPO H 4 21.10 -22.76 -4.83
CB TPO H 4 19.65 -22.44 -5.27
CG2 TPO H 4 18.92 -23.70 -5.71
OG1 TPO H 4 18.96 -21.82 -4.17
P TPO H 4 17.48 -21.22 -4.38
O1P TPO H 4 16.40 -22.15 -3.97
O2P TPO H 4 17.45 -19.83 -3.59
O3P TPO H 4 17.38 -20.82 -5.94
C TPO H 4 21.89 -21.44 -4.73
O TPO H 4 22.27 -21.03 -3.64
N THR H 5 22.14 -20.81 -5.87
CA THR H 5 22.90 -19.56 -5.89
C THR H 5 22.46 -18.60 -4.78
N THR H 6 23.30 -17.61 -4.47
CA THR H 6 22.97 -16.66 -3.39
C THR H 6 23.39 -15.21 -3.63
N VAL H 7 24.69 -14.95 -3.46
CA VAL H 7 25.22 -13.60 -3.62
C VAL H 7 26.19 -13.54 -4.81
N MET H 8 26.75 -12.45 -5.06
#